data_2ROU
# 
_entry.id   2ROU 
# 
_audit_conform.dict_name       mmcif_pdbx.dic 
_audit_conform.dict_version    5.392 
_audit_conform.dict_location   http://mmcif.pdb.org/dictionaries/ascii/mmcif_pdbx.dic 
# 
loop_
_database_2.database_id 
_database_2.database_code 
_database_2.pdbx_database_accession 
_database_2.pdbx_DOI 
PDB   2ROU         pdb_00002rou 10.2210/pdb2rou/pdb 
RCSB  RCSB150107   ?            ?                   
WWPDB D_1000150107 ?            ?                   
# 
loop_
_pdbx_audit_revision_history.ordinal 
_pdbx_audit_revision_history.data_content_type 
_pdbx_audit_revision_history.major_revision 
_pdbx_audit_revision_history.minor_revision 
_pdbx_audit_revision_history.revision_date 
1 'Structure model' 1 0 2009-03-03 
2 'Structure model' 1 1 2011-07-13 
3 'Structure model' 1 2 2022-03-16 
4 'Structure model' 1 3 2024-05-29 
# 
_pdbx_audit_revision_details.ordinal             1 
_pdbx_audit_revision_details.revision_ordinal    1 
_pdbx_audit_revision_details.data_content_type   'Structure model' 
_pdbx_audit_revision_details.provider            repository 
_pdbx_audit_revision_details.type                'Initial release' 
_pdbx_audit_revision_details.description         ? 
_pdbx_audit_revision_details.details             ? 
# 
loop_
_pdbx_audit_revision_group.ordinal 
_pdbx_audit_revision_group.revision_ordinal 
_pdbx_audit_revision_group.data_content_type 
_pdbx_audit_revision_group.group 
1 2 'Structure model' 'Version format compliance' 
2 3 'Structure model' 'Data collection'           
3 3 'Structure model' 'Database references'       
4 3 'Structure model' 'Derived calculations'      
5 4 'Structure model' 'Data collection'           
# 
loop_
_pdbx_audit_revision_category.ordinal 
_pdbx_audit_revision_category.revision_ordinal 
_pdbx_audit_revision_category.data_content_type 
_pdbx_audit_revision_category.category 
1 3 'Structure model' database_2            
2 3 'Structure model' pdbx_nmr_software     
3 3 'Structure model' pdbx_struct_assembly  
4 3 'Structure model' pdbx_struct_oper_list 
5 3 'Structure model' struct_conn           
6 3 'Structure model' struct_site           
7 4 'Structure model' chem_comp_atom        
8 4 'Structure model' chem_comp_bond        
# 
loop_
_pdbx_audit_revision_item.ordinal 
_pdbx_audit_revision_item.revision_ordinal 
_pdbx_audit_revision_item.data_content_type 
_pdbx_audit_revision_item.item 
1 3 'Structure model' '_database_2.pdbx_DOI'                
2 3 'Structure model' '_database_2.pdbx_database_accession' 
3 3 'Structure model' '_pdbx_nmr_software.name'             
4 3 'Structure model' '_struct_conn.pdbx_leaving_atom_flag' 
5 3 'Structure model' '_struct_site.pdbx_auth_asym_id'      
6 3 'Structure model' '_struct_site.pdbx_auth_comp_id'      
7 3 'Structure model' '_struct_site.pdbx_auth_seq_id'       
# 
_pdbx_database_status.deposit_site                    BMRB 
_pdbx_database_status.entry_id                        2ROU 
_pdbx_database_status.process_site                    PDBJ 
_pdbx_database_status.recvd_initial_deposition_date   2008-04-20 
_pdbx_database_status.SG_entry                        . 
_pdbx_database_status.status_code                     REL 
_pdbx_database_status.status_code_mr                  REL 
_pdbx_database_status.status_code_sf                  ? 
_pdbx_database_status.pdb_format_compatible           Y 
_pdbx_database_status.status_code_cs                  ? 
_pdbx_database_status.status_code_nmr_data            ? 
_pdbx_database_status.methods_development_category    ? 
# 
loop_
_audit_author.name 
_audit_author.pdbx_ordinal 
'Wang, Y.'     1 
'Kroth, H.'    2 
'Yagi, H.'     3 
'Sayer, J.M.'  4 
'Kumar, S.'    5 
'Jerina, D.M.' 6 
'Stone, M.P.'  7 
# 
_citation.id                        primary 
_citation.title                     
;3'-Intercalation of a N2-dG 1R-trans-anti-benzo[c]phenanthrene DNA adduct in an iterated (CG)3 repeat
;
_citation.journal_abbrev            Chem.Res.Toxicol. 
_citation.journal_volume            21 
_citation.page_first                1348 
_citation.page_last                 1358 
_citation.year                      2008 
_citation.journal_id_ASTM           CRTOEC 
_citation.country                   US 
_citation.journal_id_ISSN           0893-228X 
_citation.journal_id_CSD            2140 
_citation.book_publisher            ? 
_citation.pdbx_database_id_PubMed   18549249 
_citation.pdbx_database_id_DOI      10.1021/tx7004103 
# 
loop_
_citation_author.citation_id 
_citation_author.name 
_citation_author.ordinal 
_citation_author.identifier_ORCID 
primary 'Wang, Y.'              1 ? 
primary 'Schnetz-Boutaud, N.C.' 2 ? 
primary 'Kroth, H.'             3 ? 
primary 'Yagi, H.'              4 ? 
primary 'Sayer, J.M.'           5 ? 
primary 'Kumar, S.'             6 ? 
primary 'Jerina, D.M.'          7 ? 
primary 'Stone, M.P.'           8 ? 
# 
loop_
_entity.id 
_entity.type 
_entity.src_method 
_entity.pdbx_description 
_entity.formula_weight 
_entity.pdbx_number_of_molecules 
_entity.pdbx_ec 
_entity.pdbx_mutation 
_entity.pdbx_fragment 
_entity.details 
1 polymer     syn 
;DNA (5'-D(*DAP*DTP*DCP*DGP*DCP*DGP*DCP*DGP*DGP*DCP*DAP*DTP*DG)-3')
;
3992.598 1 ? ? ? ? 
2 polymer     syn 
;DNA (5'-D(*DCP*DAP*DTP*DGP*DCP*DCP*DGP*DCP*DGP*DCP*DGP*DAP*DT)-3')
;
3952.574 1 ? ? ? ? 
3 non-polymer syn '(1R)-1,2,3,4-TETRAHYDRO-BENZO[C]PHENANTHRENE-2,3,4-TRIOL'           280.318  1 ? ? ? ? 
# 
loop_
_entity_poly.entity_id 
_entity_poly.type 
_entity_poly.nstd_linkage 
_entity_poly.nstd_monomer 
_entity_poly.pdbx_seq_one_letter_code 
_entity_poly.pdbx_seq_one_letter_code_can 
_entity_poly.pdbx_strand_id 
_entity_poly.pdbx_target_identifier 
1 polydeoxyribonucleotide no no '(DA)(DT)(DC)(DG)(DC)(DG)(DC)(DG)(DG)(DC)(DA)(DT)(DG)' ATCGCGCGGCATG A ? 
2 polydeoxyribonucleotide no no '(DC)(DA)(DT)(DG)(DC)(DC)(DG)(DC)(DG)(DC)(DG)(DA)(DT)' CATGCCGCGCGAT B ? 
# 
_pdbx_entity_nonpoly.entity_id   3 
_pdbx_entity_nonpoly.name        '(1R)-1,2,3,4-TETRAHYDRO-BENZO[C]PHENANTHRENE-2,3,4-TRIOL' 
_pdbx_entity_nonpoly.comp_id     BPJ 
# 
loop_
_entity_poly_seq.entity_id 
_entity_poly_seq.num 
_entity_poly_seq.mon_id 
_entity_poly_seq.hetero 
1 1  DA n 
1 2  DT n 
1 3  DC n 
1 4  DG n 
1 5  DC n 
1 6  DG n 
1 7  DC n 
1 8  DG n 
1 9  DG n 
1 10 DC n 
1 11 DA n 
1 12 DT n 
1 13 DG n 
2 1  DC n 
2 2  DA n 
2 3  DT n 
2 4  DG n 
2 5  DC n 
2 6  DC n 
2 7  DG n 
2 8  DC n 
2 9  DG n 
2 10 DC n 
2 11 DG n 
2 12 DA n 
2 13 DT n 
# 
loop_
_chem_comp.id 
_chem_comp.type 
_chem_comp.mon_nstd_flag 
_chem_comp.name 
_chem_comp.pdbx_synonyms 
_chem_comp.formula 
_chem_comp.formula_weight 
BPJ non-polymer   . '(1R)-1,2,3,4-TETRAHYDRO-BENZO[C]PHENANTHRENE-2,3,4-TRIOL' '1R-TRANS-ANTI-BENZO[C]PHENANTHRENE' 'C18 H16 O3' 
280.318 
DA  'DNA linking' y "2'-DEOXYADENOSINE-5'-MONOPHOSPHATE"                       ?                                    
'C10 H14 N5 O6 P' 331.222 
DC  'DNA linking' y "2'-DEOXYCYTIDINE-5'-MONOPHOSPHATE"                        ?                                    
'C9 H14 N3 O7 P'  307.197 
DG  'DNA linking' y "2'-DEOXYGUANOSINE-5'-MONOPHOSPHATE"                       ?                                    
'C10 H14 N5 O7 P' 347.221 
DT  'DNA linking' y "THYMIDINE-5'-MONOPHOSPHATE"                               ?                                    
'C10 H15 N2 O8 P' 322.208 
# 
loop_
_pdbx_poly_seq_scheme.asym_id 
_pdbx_poly_seq_scheme.entity_id 
_pdbx_poly_seq_scheme.seq_id 
_pdbx_poly_seq_scheme.mon_id 
_pdbx_poly_seq_scheme.ndb_seq_num 
_pdbx_poly_seq_scheme.pdb_seq_num 
_pdbx_poly_seq_scheme.auth_seq_num 
_pdbx_poly_seq_scheme.pdb_mon_id 
_pdbx_poly_seq_scheme.auth_mon_id 
_pdbx_poly_seq_scheme.pdb_strand_id 
_pdbx_poly_seq_scheme.pdb_ins_code 
_pdbx_poly_seq_scheme.hetero 
A 1 1  DA 1  1  1  DA DA A . n 
A 1 2  DT 2  2  2  DT DT A . n 
A 1 3  DC 3  3  3  DC DC A . n 
A 1 4  DG 4  4  4  DG DG A . n 
A 1 5  DC 5  5  5  DC DC A . n 
A 1 6  DG 6  6  6  DG X  A . n 
A 1 7  DC 7  7  7  DC DC A . n 
A 1 8  DG 8  8  8  DG DG A . n 
A 1 9  DG 9  9  9  DG DG A . n 
A 1 10 DC 10 10 10 DC DC A . n 
A 1 11 DA 11 11 11 DA DA A . n 
A 1 12 DT 12 12 12 DT DT A . n 
A 1 13 DG 13 13 13 DG DG A . n 
B 2 1  DC 1  14 14 DC DC B . n 
B 2 2  DA 2  15 15 DA DA B . n 
B 2 3  DT 3  16 16 DT DT B . n 
B 2 4  DG 4  17 17 DG DG B . n 
B 2 5  DC 5  18 18 DC DC B . n 
B 2 6  DC 6  19 19 DC DC B . n 
B 2 7  DG 7  20 20 DG DG B . n 
B 2 8  DC 8  21 21 DC DC B . n 
B 2 9  DG 9  22 22 DG DG B . n 
B 2 10 DC 10 23 23 DC DC B . n 
B 2 11 DG 11 24 24 DG DG B . n 
B 2 12 DA 12 25 25 DA DA B . n 
B 2 13 DT 13 26 26 DT DT B . n 
# 
_pdbx_nonpoly_scheme.asym_id         C 
_pdbx_nonpoly_scheme.entity_id       3 
_pdbx_nonpoly_scheme.mon_id          BPJ 
_pdbx_nonpoly_scheme.ndb_seq_num     1 
_pdbx_nonpoly_scheme.pdb_seq_num     27 
_pdbx_nonpoly_scheme.auth_seq_num    27 
_pdbx_nonpoly_scheme.pdb_mon_id      BPJ 
_pdbx_nonpoly_scheme.auth_mon_id     BCP 
_pdbx_nonpoly_scheme.pdb_strand_id   A 
_pdbx_nonpoly_scheme.pdb_ins_code    . 
# 
_exptl.absorpt_coefficient_mu     ? 
_exptl.absorpt_correction_T_max   ? 
_exptl.absorpt_correction_T_min   ? 
_exptl.absorpt_correction_type    ? 
_exptl.absorpt_process_details    ? 
_exptl.crystals_number            ? 
_exptl.details                    
;Stereospecific Conformations of N2-dG 1R-trans-anti-Benzo[c]phenanthrene DNA Adducts: 3'-Intercalation of the 1R Adduct and 5'-Minor Groove Orientation of the 1S Adduct in an Iterated (CG)3 Repeat
;
_exptl.entry_id                   2ROU 
_exptl.method                     'SOLUTION NMR' 
_exptl.method_details             ? 
# 
_struct.entry_id                  2ROU 
_struct.title                     
;Stereospecific Conformations of N2-dG 1R-trans-anti-Benzo[c]phenanthrene DNA Adducts: 3'-Intercalation of the 1R Adduct and 5'-Minor Groove Orientation of the 1S Adduct in an Iterated (CG)3 Repeat
;
_struct.pdbx_model_details        
;Stereospecific Conformations of N2-dG 1R-trans-anti-Benzo[c]phenanthrene DNA Adducts: 3'-Intercalation of the 1R Adduct and 5'-Minor Groove Orientation of the 1S Adduct in an Iterated (CG)3 Repeat
;
_struct.pdbx_CASP_flag            ? 
_struct.pdbx_model_type_details   'minimized average' 
# 
_struct_keywords.entry_id        2ROU 
_struct_keywords.pdbx_keywords   DNA 
_struct_keywords.text            'N2-dG 1R-trans-anti-Benzo[c]phenanthrene, DNA' 
# 
loop_
_struct_asym.id 
_struct_asym.pdbx_blank_PDB_chainid_flag 
_struct_asym.pdbx_modified 
_struct_asym.entity_id 
_struct_asym.details 
A N N 1 ? 
B N N 2 ? 
C N N 3 ? 
# 
loop_
_struct_ref.id 
_struct_ref.db_name 
_struct_ref.db_code 
_struct_ref.pdbx_db_accession 
_struct_ref.entity_id 
_struct_ref.pdbx_align_begin 
_struct_ref.pdbx_seq_one_letter_code 
_struct_ref.pdbx_db_isoform 
1 PDB 2ROU 2ROU 1 ? ATCGCGCGGCATG ? 
2 PDB 2ROU 2ROU 2 ? CATGCCGCGCGAT ? 
# 
loop_
_struct_ref_seq.align_id 
_struct_ref_seq.ref_id 
_struct_ref_seq.pdbx_PDB_id_code 
_struct_ref_seq.pdbx_strand_id 
_struct_ref_seq.seq_align_beg 
_struct_ref_seq.pdbx_seq_align_beg_ins_code 
_struct_ref_seq.seq_align_end 
_struct_ref_seq.pdbx_seq_align_end_ins_code 
_struct_ref_seq.pdbx_db_accession 
_struct_ref_seq.db_align_beg 
_struct_ref_seq.pdbx_db_align_beg_ins_code 
_struct_ref_seq.db_align_end 
_struct_ref_seq.pdbx_db_align_end_ins_code 
_struct_ref_seq.pdbx_auth_seq_align_beg 
_struct_ref_seq.pdbx_auth_seq_align_end 
1 1 2ROU A 1 ? 13 ? 2ROU 1  ? 13 ? 1  13 
2 2 2ROU B 1 ? 13 ? 2ROU 14 ? 26 ? 14 26 
# 
_pdbx_struct_assembly.id                   1 
_pdbx_struct_assembly.details              author_defined_assembly 
_pdbx_struct_assembly.method_details       ? 
_pdbx_struct_assembly.oligomeric_details   dimeric 
_pdbx_struct_assembly.oligomeric_count     2 
# 
_pdbx_struct_assembly_gen.assembly_id       1 
_pdbx_struct_assembly_gen.oper_expression   1 
_pdbx_struct_assembly_gen.asym_id_list      A,B,C 
# 
_pdbx_struct_oper_list.id                   1 
_pdbx_struct_oper_list.type                 'identity operation' 
_pdbx_struct_oper_list.name                 1_555 
_pdbx_struct_oper_list.symmetry_operation   x,y,z 
_pdbx_struct_oper_list.matrix[1][1]         1.0000000000 
_pdbx_struct_oper_list.matrix[1][2]         0.0000000000 
_pdbx_struct_oper_list.matrix[1][3]         0.0000000000 
_pdbx_struct_oper_list.vector[1]            0.0000000000 
_pdbx_struct_oper_list.matrix[2][1]         0.0000000000 
_pdbx_struct_oper_list.matrix[2][2]         1.0000000000 
_pdbx_struct_oper_list.matrix[2][3]         0.0000000000 
_pdbx_struct_oper_list.vector[2]            0.0000000000 
_pdbx_struct_oper_list.matrix[3][1]         0.0000000000 
_pdbx_struct_oper_list.matrix[3][2]         0.0000000000 
_pdbx_struct_oper_list.matrix[3][3]         1.0000000000 
_pdbx_struct_oper_list.vector[3]            0.0000000000 
# 
_struct_biol.id        1 
_struct_biol.details   ? 
# 
loop_
_struct_conn.id 
_struct_conn.conn_type_id 
_struct_conn.pdbx_leaving_atom_flag 
_struct_conn.pdbx_PDB_id 
_struct_conn.ptnr1_label_asym_id 
_struct_conn.ptnr1_label_comp_id 
_struct_conn.ptnr1_label_seq_id 
_struct_conn.ptnr1_label_atom_id 
_struct_conn.pdbx_ptnr1_label_alt_id 
_struct_conn.pdbx_ptnr1_PDB_ins_code 
_struct_conn.pdbx_ptnr1_standard_comp_id 
_struct_conn.ptnr1_symmetry 
_struct_conn.ptnr2_label_asym_id 
_struct_conn.ptnr2_label_comp_id 
_struct_conn.ptnr2_label_seq_id 
_struct_conn.ptnr2_label_atom_id 
_struct_conn.pdbx_ptnr2_label_alt_id 
_struct_conn.pdbx_ptnr2_PDB_ins_code 
_struct_conn.ptnr1_auth_asym_id 
_struct_conn.ptnr1_auth_comp_id 
_struct_conn.ptnr1_auth_seq_id 
_struct_conn.ptnr2_auth_asym_id 
_struct_conn.ptnr2_auth_comp_id 
_struct_conn.ptnr2_auth_seq_id 
_struct_conn.ptnr2_symmetry 
_struct_conn.pdbx_ptnr3_label_atom_id 
_struct_conn.pdbx_ptnr3_label_seq_id 
_struct_conn.pdbx_ptnr3_label_comp_id 
_struct_conn.pdbx_ptnr3_label_asym_id 
_struct_conn.pdbx_ptnr3_label_alt_id 
_struct_conn.pdbx_ptnr3_PDB_ins_code 
_struct_conn.details 
_struct_conn.pdbx_dist_value 
_struct_conn.pdbx_value_order 
_struct_conn.pdbx_role 
covale1  covale none ? A DG 6  N2 ? ? ? 1_555 C BPJ .  C1 ? ? A DG 6  A BPJ 27 1_555 ? ? ? ? ? ? ?               1.474 ? ? 
hydrog1  hydrog ?    ? A DA 1  N1 ? ? ? 1_555 B DA  12 N6 ? ? A DA 1  B DA  25 1_555 ? ? ? ? ? ? 'DA-DA MISPAIR' ?     ? ? 
hydrog2  hydrog ?    ? A DA 1  N1 ? ? ? 1_555 B DT  13 N3 ? ? A DA 1  B DT  26 1_555 ? ? ? ? ? ? WATSON-CRICK    ?     ? ? 
hydrog3  hydrog ?    ? A DA 1  N6 ? ? ? 1_555 B DT  13 O4 ? ? A DA 1  B DT  26 1_555 ? ? ? ? ? ? WATSON-CRICK    ?     ? ? 
hydrog4  hydrog ?    ? A DT 2  N3 ? ? ? 1_555 B DA  12 N1 ? ? A DT 2  B DA  25 1_555 ? ? ? ? ? ? WATSON-CRICK    ?     ? ? 
hydrog5  hydrog ?    ? A DT 2  O4 ? ? ? 1_555 B DA  12 N6 ? ? A DT 2  B DA  25 1_555 ? ? ? ? ? ? WATSON-CRICK    ?     ? ? 
hydrog6  hydrog ?    ? A DC 3  N3 ? ? ? 1_555 B DG  11 N1 ? ? A DC 3  B DG  24 1_555 ? ? ? ? ? ? WATSON-CRICK    ?     ? ? 
hydrog7  hydrog ?    ? A DC 3  N4 ? ? ? 1_555 B DG  11 O6 ? ? A DC 3  B DG  24 1_555 ? ? ? ? ? ? WATSON-CRICK    ?     ? ? 
hydrog8  hydrog ?    ? A DC 3  O2 ? ? ? 1_555 B DG  11 N2 ? ? A DC 3  B DG  24 1_555 ? ? ? ? ? ? WATSON-CRICK    ?     ? ? 
hydrog9  hydrog ?    ? A DG 4  N1 ? ? ? 1_555 B DC  10 N3 ? ? A DG 4  B DC  23 1_555 ? ? ? ? ? ? WATSON-CRICK    ?     ? ? 
hydrog10 hydrog ?    ? A DG 4  N2 ? ? ? 1_555 B DC  10 O2 ? ? A DG 4  B DC  23 1_555 ? ? ? ? ? ? WATSON-CRICK    ?     ? ? 
hydrog11 hydrog ?    ? A DG 4  O6 ? ? ? 1_555 B DC  10 N4 ? ? A DG 4  B DC  23 1_555 ? ? ? ? ? ? WATSON-CRICK    ?     ? ? 
hydrog12 hydrog ?    ? A DC 5  N3 ? ? ? 1_555 B DG  9  N1 ? ? A DC 5  B DG  22 1_555 ? ? ? ? ? ? WATSON-CRICK    ?     ? ? 
hydrog13 hydrog ?    ? A DC 5  N4 ? ? ? 1_555 B DG  9  O6 ? ? A DC 5  B DG  22 1_555 ? ? ? ? ? ? WATSON-CRICK    ?     ? ? 
hydrog14 hydrog ?    ? A DC 5  O2 ? ? ? 1_555 B DG  9  N2 ? ? A DC 5  B DG  22 1_555 ? ? ? ? ? ? WATSON-CRICK    ?     ? ? 
hydrog15 hydrog ?    ? A DG 6  N1 ? ? ? 1_555 B DC  8  N3 ? ? A DG 6  B DC  21 1_555 ? ? ? ? ? ? WATSON-CRICK    ?     ? ? 
hydrog16 hydrog ?    ? A DG 6  N2 ? ? ? 1_555 B DC  8  O2 ? ? A DG 6  B DC  21 1_555 ? ? ? ? ? ? WATSON-CRICK    ?     ? ? 
hydrog17 hydrog ?    ? A DG 6  O6 ? ? ? 1_555 B DC  8  N4 ? ? A DG 6  B DC  21 1_555 ? ? ? ? ? ? WATSON-CRICK    ?     ? ? 
hydrog18 hydrog ?    ? A DC 7  N3 ? ? ? 1_555 B DG  7  N1 ? ? A DC 7  B DG  20 1_555 ? ? ? ? ? ? WATSON-CRICK    ?     ? ? 
hydrog19 hydrog ?    ? A DC 7  N4 ? ? ? 1_555 B DG  7  O6 ? ? A DC 7  B DG  20 1_555 ? ? ? ? ? ? WATSON-CRICK    ?     ? ? 
hydrog20 hydrog ?    ? A DC 7  O2 ? ? ? 1_555 B DG  7  N2 ? ? A DC 7  B DG  20 1_555 ? ? ? ? ? ? WATSON-CRICK    ?     ? ? 
hydrog21 hydrog ?    ? A DG 8  N1 ? ? ? 1_555 B DC  6  N3 ? ? A DG 8  B DC  19 1_555 ? ? ? ? ? ? WATSON-CRICK    ?     ? ? 
hydrog22 hydrog ?    ? A DG 8  N2 ? ? ? 1_555 B DC  6  O2 ? ? A DG 8  B DC  19 1_555 ? ? ? ? ? ? WATSON-CRICK    ?     ? ? 
hydrog23 hydrog ?    ? A DG 8  O6 ? ? ? 1_555 B DC  6  N4 ? ? A DG 8  B DC  19 1_555 ? ? ? ? ? ? WATSON-CRICK    ?     ? ? 
hydrog24 hydrog ?    ? A DG 9  N1 ? ? ? 1_555 B DC  5  N3 ? ? A DG 9  B DC  18 1_555 ? ? ? ? ? ? WATSON-CRICK    ?     ? ? 
hydrog25 hydrog ?    ? A DG 9  N2 ? ? ? 1_555 B DC  5  O2 ? ? A DG 9  B DC  18 1_555 ? ? ? ? ? ? WATSON-CRICK    ?     ? ? 
hydrog26 hydrog ?    ? A DG 9  O6 ? ? ? 1_555 B DC  5  N4 ? ? A DG 9  B DC  18 1_555 ? ? ? ? ? ? WATSON-CRICK    ?     ? ? 
hydrog27 hydrog ?    ? A DC 10 N3 ? ? ? 1_555 B DG  4  N1 ? ? A DC 10 B DG  17 1_555 ? ? ? ? ? ? WATSON-CRICK    ?     ? ? 
hydrog28 hydrog ?    ? A DC 10 N4 ? ? ? 1_555 B DG  4  O6 ? ? A DC 10 B DG  17 1_555 ? ? ? ? ? ? WATSON-CRICK    ?     ? ? 
hydrog29 hydrog ?    ? A DC 10 O2 ? ? ? 1_555 B DG  4  N2 ? ? A DC 10 B DG  17 1_555 ? ? ? ? ? ? WATSON-CRICK    ?     ? ? 
hydrog30 hydrog ?    ? A DA 11 N1 ? ? ? 1_555 B DT  3  N3 ? ? A DA 11 B DT  16 1_555 ? ? ? ? ? ? WATSON-CRICK    ?     ? ? 
hydrog31 hydrog ?    ? A DA 11 N6 ? ? ? 1_555 B DT  3  O4 ? ? A DA 11 B DT  16 1_555 ? ? ? ? ? ? WATSON-CRICK    ?     ? ? 
hydrog32 hydrog ?    ? A DT 12 N3 ? ? ? 1_555 B DA  2  N1 ? ? A DT 12 B DA  15 1_555 ? ? ? ? ? ? WATSON-CRICK    ?     ? ? 
hydrog33 hydrog ?    ? A DT 12 O4 ? ? ? 1_555 B DA  2  N6 ? ? A DT 12 B DA  15 1_555 ? ? ? ? ? ? WATSON-CRICK    ?     ? ? 
hydrog34 hydrog ?    ? A DG 13 N1 ? ? ? 1_555 B DC  1  N3 ? ? A DG 13 B DC  14 1_555 ? ? ? ? ? ? WATSON-CRICK    ?     ? ? 
hydrog35 hydrog ?    ? A DG 13 N2 ? ? ? 1_555 B DC  1  O2 ? ? A DG 13 B DC  14 1_555 ? ? ? ? ? ? WATSON-CRICK    ?     ? ? 
hydrog36 hydrog ?    ? A DG 13 O6 ? ? ? 1_555 B DC  1  N4 ? ? A DG 13 B DC  14 1_555 ? ? ? ? ? ? WATSON-CRICK    ?     ? ? 
# 
loop_
_struct_conn_type.id 
_struct_conn_type.criteria 
_struct_conn_type.reference 
covale ? ? 
hydrog ? ? 
# 
loop_
_struct_site.id 
_struct_site.pdbx_evidence_code 
_struct_site.pdbx_auth_asym_id 
_struct_site.pdbx_auth_comp_id 
_struct_site.pdbx_auth_seq_id 
_struct_site.pdbx_auth_ins_code 
_struct_site.pdbx_num_residues 
_struct_site.details 
AC1 Software A BPJ 27 ? 6 'BINDING SITE FOR RESIDUE BPJ A 27' 
1   ?        ? ?   ?  ? ? ?                                   
# 
loop_
_struct_site_gen.id 
_struct_site_gen.site_id 
_struct_site_gen.pdbx_num_res 
_struct_site_gen.label_comp_id 
_struct_site_gen.label_asym_id 
_struct_site_gen.label_seq_id 
_struct_site_gen.pdbx_auth_ins_code 
_struct_site_gen.auth_comp_id 
_struct_site_gen.auth_asym_id 
_struct_site_gen.auth_seq_id 
_struct_site_gen.label_atom_id 
_struct_site_gen.label_alt_id 
_struct_site_gen.symmetry 
_struct_site_gen.details 
1 AC1 6 DC A 5 ? DC A 5  . ? 1_555 ? 
2 AC1 6 DG A 6 ? DG A 6  . ? 1_555 ? 
3 AC1 6 DC A 7 ? DC A 7  . ? 1_555 ? 
4 AC1 6 DG B 7 ? DG B 20 . ? 1_555 ? 
5 AC1 6 DC B 8 ? DC B 21 . ? 1_555 ? 
6 AC1 6 DG B 9 ? DG B 22 . ? 1_555 ? 
# 
loop_
_pdbx_validate_rmsd_angle.id 
_pdbx_validate_rmsd_angle.PDB_model_num 
_pdbx_validate_rmsd_angle.auth_atom_id_1 
_pdbx_validate_rmsd_angle.auth_asym_id_1 
_pdbx_validate_rmsd_angle.auth_comp_id_1 
_pdbx_validate_rmsd_angle.auth_seq_id_1 
_pdbx_validate_rmsd_angle.PDB_ins_code_1 
_pdbx_validate_rmsd_angle.label_alt_id_1 
_pdbx_validate_rmsd_angle.auth_atom_id_2 
_pdbx_validate_rmsd_angle.auth_asym_id_2 
_pdbx_validate_rmsd_angle.auth_comp_id_2 
_pdbx_validate_rmsd_angle.auth_seq_id_2 
_pdbx_validate_rmsd_angle.PDB_ins_code_2 
_pdbx_validate_rmsd_angle.label_alt_id_2 
_pdbx_validate_rmsd_angle.auth_atom_id_3 
_pdbx_validate_rmsd_angle.auth_asym_id_3 
_pdbx_validate_rmsd_angle.auth_comp_id_3 
_pdbx_validate_rmsd_angle.auth_seq_id_3 
_pdbx_validate_rmsd_angle.PDB_ins_code_3 
_pdbx_validate_rmsd_angle.label_alt_id_3 
_pdbx_validate_rmsd_angle.angle_value 
_pdbx_validate_rmsd_angle.angle_target_value 
_pdbx_validate_rmsd_angle.angle_deviation 
_pdbx_validate_rmsd_angle.angle_standard_deviation 
_pdbx_validate_rmsd_angle.linker_flag 
1  1 "O4'" A DA 1  ? ? "C1'" A DA 1  ? ? N9 A DA 1  ? ? 111.85 108.30 3.55  0.30 N 
2  1 N7    A DA 1  ? ? C8    A DA 1  ? ? N9 A DA 1  ? ? 117.60 113.80 3.80  0.50 N 
3  1 "O4'" A DT 2  ? ? "C1'" A DT 2  ? ? N1 A DT 2  ? ? 112.25 108.30 3.95  0.30 N 
4  1 C6    A DT 2  ? ? C5    A DT 2  ? ? C7 A DT 2  ? ? 118.60 122.90 -4.30 0.60 N 
5  1 "O4'" A DC 3  ? ? "C1'" A DC 3  ? ? N1 A DC 3  ? ? 110.35 108.30 2.05  0.30 N 
6  1 "O4'" A DG 4  ? ? "C1'" A DG 4  ? ? N9 A DG 4  ? ? 110.69 108.30 2.39  0.30 N 
7  1 N7    A DG 4  ? ? C8    A DG 4  ? ? N9 A DG 4  ? ? 117.66 113.10 4.56  0.50 N 
8  1 C8    A DG 4  ? ? N9    A DG 4  ? ? C4 A DG 4  ? ? 103.81 106.40 -2.59 0.40 N 
9  1 "O4'" A DC 5  ? ? "C1'" A DC 5  ? ? N1 A DC 5  ? ? 111.32 108.30 3.02  0.30 N 
10 1 N7    A DG 6  ? ? C8    A DG 6  ? ? N9 A DG 6  ? ? 118.08 113.10 4.98  0.50 N 
11 1 C8    A DG 6  ? ? N9    A DG 6  ? ? C4 A DG 6  ? ? 103.97 106.40 -2.43 0.40 N 
12 1 "O4'" A DC 7  ? ? "C1'" A DC 7  ? ? N1 A DC 7  ? ? 110.97 108.30 2.67  0.30 N 
13 1 "O4'" A DG 8  ? ? "C1'" A DG 8  ? ? N9 A DG 8  ? ? 111.80 108.30 3.50  0.30 N 
14 1 N7    A DG 8  ? ? C8    A DG 8  ? ? N9 A DG 8  ? ? 117.42 113.10 4.32  0.50 N 
15 1 C8    A DG 8  ? ? N9    A DG 8  ? ? C4 A DG 8  ? ? 103.82 106.40 -2.58 0.40 N 
16 1 "O4'" A DG 9  ? ? "C1'" A DG 9  ? ? N9 A DG 9  ? ? 110.73 108.30 2.43  0.30 N 
17 1 N7    A DG 9  ? ? C8    A DG 9  ? ? N9 A DG 9  ? ? 117.54 113.10 4.44  0.50 N 
18 1 C8    A DG 9  ? ? N9    A DG 9  ? ? C4 A DG 9  ? ? 103.76 106.40 -2.64 0.40 N 
19 1 "O4'" A DC 10 ? ? "C1'" A DC 10 ? ? N1 A DC 10 ? ? 111.36 108.30 3.06  0.30 N 
20 1 "O4'" A DA 11 ? ? "C1'" A DA 11 ? ? N9 A DA 11 ? ? 111.66 108.30 3.36  0.30 N 
21 1 N7    A DA 11 ? ? C8    A DA 11 ? ? N9 A DA 11 ? ? 117.55 113.80 3.75  0.50 N 
22 1 C8    A DA 11 ? ? N9    A DA 11 ? ? C4 A DA 11 ? ? 103.30 105.80 -2.50 0.40 N 
23 1 "O4'" A DT 12 ? ? "C1'" A DT 12 ? ? N1 A DT 12 ? ? 113.64 108.30 5.34  0.30 N 
24 1 C6    A DT 12 ? ? C5    A DT 12 ? ? C7 A DT 12 ? ? 118.13 122.90 -4.77 0.60 N 
25 1 "O4'" A DG 13 ? ? "C1'" A DG 13 ? ? N9 A DG 13 ? ? 110.75 108.30 2.45  0.30 N 
26 1 N7    A DG 13 ? ? C8    A DG 13 ? ? N9 A DG 13 ? ? 117.66 113.10 4.56  0.50 N 
27 1 C8    A DG 13 ? ? N9    A DG 13 ? ? C4 A DG 13 ? ? 103.71 106.40 -2.69 0.40 N 
28 1 "O4'" B DC 14 ? ? "C1'" B DC 14 ? ? N1 B DC 14 ? ? 110.90 108.30 2.60  0.30 N 
29 1 "O4'" B DA 15 ? ? "C1'" B DA 15 ? ? N9 B DA 15 ? ? 110.88 108.30 2.58  0.30 N 
30 1 N7    B DA 15 ? ? C8    B DA 15 ? ? N9 B DA 15 ? ? 117.69 113.80 3.89  0.50 N 
31 1 "O4'" B DT 16 ? ? "C1'" B DT 16 ? ? N1 B DT 16 ? ? 112.46 108.30 4.16  0.30 N 
32 1 C6    B DT 16 ? ? C5    B DT 16 ? ? C7 B DT 16 ? ? 118.48 122.90 -4.42 0.60 N 
33 1 "O4'" B DG 17 ? ? "C1'" B DG 17 ? ? N9 B DG 17 ? ? 110.80 108.30 2.50  0.30 N 
34 1 N7    B DG 17 ? ? C8    B DG 17 ? ? N9 B DG 17 ? ? 117.51 113.10 4.41  0.50 N 
35 1 C8    B DG 17 ? ? N9    B DG 17 ? ? C4 B DG 17 ? ? 103.99 106.40 -2.41 0.40 N 
36 1 "O4'" B DC 18 ? ? "C1'" B DC 18 ? ? N1 B DC 18 ? ? 111.14 108.30 2.84  0.30 N 
37 1 "O4'" B DC 19 ? ? "C1'" B DC 19 ? ? N1 B DC 19 ? ? 111.59 108.30 3.29  0.30 N 
38 1 "O4'" B DG 20 ? ? "C1'" B DG 20 ? ? N9 B DG 20 ? ? 110.70 108.30 2.40  0.30 N 
39 1 N7    B DG 20 ? ? C8    B DG 20 ? ? N9 B DG 20 ? ? 117.67 113.10 4.57  0.50 N 
40 1 C8    B DG 20 ? ? N9    B DG 20 ? ? C4 B DG 20 ? ? 103.81 106.40 -2.59 0.40 N 
41 1 "O4'" B DC 21 ? ? "C1'" B DC 21 ? ? N1 B DC 21 ? ? 113.50 108.30 5.20  0.30 N 
42 1 "O4'" B DG 22 ? ? "C1'" B DG 22 ? ? N9 B DG 22 ? ? 111.44 108.30 3.14  0.30 N 
43 1 N7    B DG 22 ? ? C8    B DG 22 ? ? N9 B DG 22 ? ? 117.52 113.10 4.42  0.50 N 
44 1 C8    B DG 22 ? ? N9    B DG 22 ? ? C4 B DG 22 ? ? 103.83 106.40 -2.57 0.40 N 
45 1 "O4'" B DC 23 ? ? "C1'" B DC 23 ? ? N1 B DC 23 ? ? 111.29 108.30 2.99  0.30 N 
46 1 "O4'" B DG 24 ? ? "C1'" B DG 24 ? ? N9 B DG 24 ? ? 111.54 108.30 3.24  0.30 N 
47 1 N7    B DG 24 ? ? C8    B DG 24 ? ? N9 B DG 24 ? ? 117.53 113.10 4.43  0.50 N 
48 1 C8    B DG 24 ? ? N9    B DG 24 ? ? C4 B DG 24 ? ? 103.74 106.40 -2.66 0.40 N 
49 1 "O4'" B DA 25 ? ? "C1'" B DA 25 ? ? N9 B DA 25 ? ? 111.27 108.30 2.97  0.30 N 
50 1 N7    B DA 25 ? ? C8    B DA 25 ? ? N9 B DA 25 ? ? 117.73 113.80 3.93  0.50 N 
51 1 "O4'" B DT 26 ? ? "C1'" B DT 26 ? ? N1 B DT 26 ? ? 112.16 108.30 3.86  0.30 N 
52 1 C6    B DT 26 ? ? C5    B DT 26 ? ? C7 B DT 26 ? ? 117.32 122.90 -5.58 0.60 N 
# 
_struct_site_keywords.site_id   1 
_struct_site_keywords.text      intercalation 
# 
_pdbx_nmr_ensemble.average_constraint_violations_per_residue     ? 
_pdbx_nmr_ensemble.average_constraints_per_residue               ? 
_pdbx_nmr_ensemble.average_distance_constraint_violation         ? 
_pdbx_nmr_ensemble.average_torsion_angle_constraint_violation    ? 
_pdbx_nmr_ensemble.conformer_selection_criteria                  ? 
_pdbx_nmr_ensemble.conformers_calculated_total_number            ? 
_pdbx_nmr_ensemble.conformers_submitted_total_number             1 
_pdbx_nmr_ensemble.distance_constraint_violation_method          ? 
_pdbx_nmr_ensemble.entry_id                                      2ROU 
_pdbx_nmr_ensemble.maximum_distance_constraint_violation         ? 
_pdbx_nmr_ensemble.maximum_lower_distance_constraint_violation   ? 
_pdbx_nmr_ensemble.maximum_torsion_angle_constraint_violation    ? 
_pdbx_nmr_ensemble.maximum_upper_distance_constraint_violation   ? 
_pdbx_nmr_ensemble.representative_conformer                      1 
_pdbx_nmr_ensemble.torsion_angle_constraint_violation_method     ? 
# 
_pdbx_nmr_representative.conformer_id         ? 
_pdbx_nmr_representative.entry_id             2ROU 
_pdbx_nmr_representative.selection_criteria   'minimized average structure' 
# 
_pdbx_nmr_sample_details.contents         '10mM [U-100% 2H] DNA, 100% D2O' 
_pdbx_nmr_sample_details.solution_id      1 
_pdbx_nmr_sample_details.solvent_system   '100% D2O' 
# 
_pdbx_nmr_exptl_sample.component             DNA 
_pdbx_nmr_exptl_sample.concentration         10 
_pdbx_nmr_exptl_sample.concentration_units   mM 
_pdbx_nmr_exptl_sample.isotopic_labeling     '[U-100% 2H]' 
_pdbx_nmr_exptl_sample.solution_id           1 
# 
_pdbx_nmr_exptl_sample_conditions.conditions_id       1 
_pdbx_nmr_exptl_sample_conditions.ionic_strength      5 
_pdbx_nmr_exptl_sample_conditions.pH                  7 
_pdbx_nmr_exptl_sample_conditions.pressure            ambient 
_pdbx_nmr_exptl_sample_conditions.pressure_units      ? 
_pdbx_nmr_exptl_sample_conditions.temperature         298 
_pdbx_nmr_exptl_sample_conditions.temperature_units   K 
# 
_pdbx_nmr_exptl.conditions_id   1 
_pdbx_nmr_exptl.experiment_id   1 
_pdbx_nmr_exptl.solution_id     1 
_pdbx_nmr_exptl.type            '2D 1H-1H NOESY' 
# 
_pdbx_nmr_refine.entry_id           2ROU 
_pdbx_nmr_refine.method             'molecular dynamics' 
_pdbx_nmr_refine.details            ? 
_pdbx_nmr_refine.software_ordinal   1 
# 
_pdbx_nmr_software.authors          ? 
_pdbx_nmr_software.classification   refinement 
_pdbx_nmr_software.name             Amber 
_pdbx_nmr_software.version          II 
_pdbx_nmr_software.ordinal          1 
# 
loop_
_chem_comp_atom.comp_id 
_chem_comp_atom.atom_id 
_chem_comp_atom.type_symbol 
_chem_comp_atom.pdbx_aromatic_flag 
_chem_comp_atom.pdbx_stereo_config 
_chem_comp_atom.pdbx_ordinal 
BPJ C1     C N N 1   
BPJ C2     C N S 2   
BPJ O2     O N N 3   
BPJ C3     C N S 4   
BPJ O3     O N N 5   
BPJ C4     C N S 6   
BPJ O4     O N N 7   
BPJ C5     C Y N 8   
BPJ C6     C Y N 9   
BPJ C7     C Y N 10  
BPJ C8     C Y N 11  
BPJ C9     C Y N 12  
BPJ C10    C Y N 13  
BPJ C11    C Y N 14  
BPJ C12    C Y N 15  
BPJ C13    C Y N 16  
BPJ C14    C Y N 17  
BPJ C15    C Y N 18  
BPJ C16    C Y N 19  
BPJ C17    C Y N 20  
BPJ C18    C Y N 21  
BPJ H11A   H N N 22  
BPJ H12A   H N N 23  
BPJ H2     H N N 24  
BPJ HO2    H N N 25  
BPJ H3     H N N 26  
BPJ HO3    H N N 27  
BPJ H4     H N N 28  
BPJ HO4    H N N 29  
BPJ H5     H N N 30  
BPJ H6     H N N 31  
BPJ H7     H N N 32  
BPJ H8     H N N 33  
BPJ H9     H N N 34  
BPJ H10    H N N 35  
BPJ H11    H N N 36  
BPJ H12    H N N 37  
DA  OP3    O N N 38  
DA  P      P N N 39  
DA  OP1    O N N 40  
DA  OP2    O N N 41  
DA  "O5'"  O N N 42  
DA  "C5'"  C N N 43  
DA  "C4'"  C N R 44  
DA  "O4'"  O N N 45  
DA  "C3'"  C N S 46  
DA  "O3'"  O N N 47  
DA  "C2'"  C N N 48  
DA  "C1'"  C N R 49  
DA  N9     N Y N 50  
DA  C8     C Y N 51  
DA  N7     N Y N 52  
DA  C5     C Y N 53  
DA  C6     C Y N 54  
DA  N6     N N N 55  
DA  N1     N Y N 56  
DA  C2     C Y N 57  
DA  N3     N Y N 58  
DA  C4     C Y N 59  
DA  HOP3   H N N 60  
DA  HOP2   H N N 61  
DA  "H5'"  H N N 62  
DA  "H5''" H N N 63  
DA  "H4'"  H N N 64  
DA  "H3'"  H N N 65  
DA  "HO3'" H N N 66  
DA  "H2'"  H N N 67  
DA  "H2''" H N N 68  
DA  "H1'"  H N N 69  
DA  H8     H N N 70  
DA  H61    H N N 71  
DA  H62    H N N 72  
DA  H2     H N N 73  
DC  OP3    O N N 74  
DC  P      P N N 75  
DC  OP1    O N N 76  
DC  OP2    O N N 77  
DC  "O5'"  O N N 78  
DC  "C5'"  C N N 79  
DC  "C4'"  C N R 80  
DC  "O4'"  O N N 81  
DC  "C3'"  C N S 82  
DC  "O3'"  O N N 83  
DC  "C2'"  C N N 84  
DC  "C1'"  C N R 85  
DC  N1     N N N 86  
DC  C2     C N N 87  
DC  O2     O N N 88  
DC  N3     N N N 89  
DC  C4     C N N 90  
DC  N4     N N N 91  
DC  C5     C N N 92  
DC  C6     C N N 93  
DC  HOP3   H N N 94  
DC  HOP2   H N N 95  
DC  "H5'"  H N N 96  
DC  "H5''" H N N 97  
DC  "H4'"  H N N 98  
DC  "H3'"  H N N 99  
DC  "HO3'" H N N 100 
DC  "H2'"  H N N 101 
DC  "H2''" H N N 102 
DC  "H1'"  H N N 103 
DC  H41    H N N 104 
DC  H42    H N N 105 
DC  H5     H N N 106 
DC  H6     H N N 107 
DG  OP3    O N N 108 
DG  P      P N N 109 
DG  OP1    O N N 110 
DG  OP2    O N N 111 
DG  "O5'"  O N N 112 
DG  "C5'"  C N N 113 
DG  "C4'"  C N R 114 
DG  "O4'"  O N N 115 
DG  "C3'"  C N S 116 
DG  "O3'"  O N N 117 
DG  "C2'"  C N N 118 
DG  "C1'"  C N R 119 
DG  N9     N Y N 120 
DG  C8     C Y N 121 
DG  N7     N Y N 122 
DG  C5     C Y N 123 
DG  C6     C N N 124 
DG  O6     O N N 125 
DG  N1     N N N 126 
DG  C2     C N N 127 
DG  N2     N N N 128 
DG  N3     N N N 129 
DG  C4     C Y N 130 
DG  HOP3   H N N 131 
DG  HOP2   H N N 132 
DG  "H5'"  H N N 133 
DG  "H5''" H N N 134 
DG  "H4'"  H N N 135 
DG  "H3'"  H N N 136 
DG  "HO3'" H N N 137 
DG  "H2'"  H N N 138 
DG  "H2''" H N N 139 
DG  "H1'"  H N N 140 
DG  H8     H N N 141 
DG  H1     H N N 142 
DG  H21    H N N 143 
DG  H22    H N N 144 
DT  OP3    O N N 145 
DT  P      P N N 146 
DT  OP1    O N N 147 
DT  OP2    O N N 148 
DT  "O5'"  O N N 149 
DT  "C5'"  C N N 150 
DT  "C4'"  C N R 151 
DT  "O4'"  O N N 152 
DT  "C3'"  C N S 153 
DT  "O3'"  O N N 154 
DT  "C2'"  C N N 155 
DT  "C1'"  C N R 156 
DT  N1     N N N 157 
DT  C2     C N N 158 
DT  O2     O N N 159 
DT  N3     N N N 160 
DT  C4     C N N 161 
DT  O4     O N N 162 
DT  C5     C N N 163 
DT  C7     C N N 164 
DT  C6     C N N 165 
DT  HOP3   H N N 166 
DT  HOP2   H N N 167 
DT  "H5'"  H N N 168 
DT  "H5''" H N N 169 
DT  "H4'"  H N N 170 
DT  "H3'"  H N N 171 
DT  "HO3'" H N N 172 
DT  "H2'"  H N N 173 
DT  "H2''" H N N 174 
DT  "H1'"  H N N 175 
DT  H3     H N N 176 
DT  H71    H N N 177 
DT  H72    H N N 178 
DT  H73    H N N 179 
DT  H6     H N N 180 
# 
loop_
_chem_comp_bond.comp_id 
_chem_comp_bond.atom_id_1 
_chem_comp_bond.atom_id_2 
_chem_comp_bond.value_order 
_chem_comp_bond.pdbx_aromatic_flag 
_chem_comp_bond.pdbx_stereo_config 
_chem_comp_bond.pdbx_ordinal 
BPJ C1    C2     sing N N 1   
BPJ C1    C13    sing N N 2   
BPJ C1    H11A   sing N N 3   
BPJ C1    H12A   sing N N 4   
BPJ C2    O2     sing N N 5   
BPJ C2    C3     sing N N 6   
BPJ C2    H2     sing N N 7   
BPJ O2    HO2    sing N N 8   
BPJ C3    O3     sing N N 9   
BPJ C3    C4     sing N N 10  
BPJ C3    H3     sing N N 11  
BPJ O3    HO3    sing N N 12  
BPJ C4    O4     sing N N 13  
BPJ C4    C14    sing N N 14  
BPJ C4    H4     sing N N 15  
BPJ O4    HO4    sing N N 16  
BPJ C5    C6     doub Y N 17  
BPJ C5    C14    sing Y N 18  
BPJ C5    H5     sing N N 19  
BPJ C6    C15    sing Y N 20  
BPJ C6    H6     sing N N 21  
BPJ C7    C8     doub Y N 22  
BPJ C7    C15    sing Y N 23  
BPJ C7    H7     sing N N 24  
BPJ C8    C18    sing Y N 25  
BPJ C8    H8     sing N N 26  
BPJ C9    C10    doub Y N 27  
BPJ C9    C18    sing Y N 28  
BPJ C9    H9     sing N N 29  
BPJ C10   C11    sing Y N 30  
BPJ C10   H10    sing N N 31  
BPJ C11   C12    doub Y N 32  
BPJ C11   H11    sing N N 33  
BPJ C12   C17    sing Y N 34  
BPJ C12   H12    sing N N 35  
BPJ C13   C14    doub Y N 36  
BPJ C13   C16    sing Y N 37  
BPJ C15   C16    doub Y N 38  
BPJ C16   C17    sing Y N 39  
BPJ C17   C18    doub Y N 40  
DA  OP3   P      sing N N 41  
DA  OP3   HOP3   sing N N 42  
DA  P     OP1    doub N N 43  
DA  P     OP2    sing N N 44  
DA  P     "O5'"  sing N N 45  
DA  OP2   HOP2   sing N N 46  
DA  "O5'" "C5'"  sing N N 47  
DA  "C5'" "C4'"  sing N N 48  
DA  "C5'" "H5'"  sing N N 49  
DA  "C5'" "H5''" sing N N 50  
DA  "C4'" "O4'"  sing N N 51  
DA  "C4'" "C3'"  sing N N 52  
DA  "C4'" "H4'"  sing N N 53  
DA  "O4'" "C1'"  sing N N 54  
DA  "C3'" "O3'"  sing N N 55  
DA  "C3'" "C2'"  sing N N 56  
DA  "C3'" "H3'"  sing N N 57  
DA  "O3'" "HO3'" sing N N 58  
DA  "C2'" "C1'"  sing N N 59  
DA  "C2'" "H2'"  sing N N 60  
DA  "C2'" "H2''" sing N N 61  
DA  "C1'" N9     sing N N 62  
DA  "C1'" "H1'"  sing N N 63  
DA  N9    C8     sing Y N 64  
DA  N9    C4     sing Y N 65  
DA  C8    N7     doub Y N 66  
DA  C8    H8     sing N N 67  
DA  N7    C5     sing Y N 68  
DA  C5    C6     sing Y N 69  
DA  C5    C4     doub Y N 70  
DA  C6    N6     sing N N 71  
DA  C6    N1     doub Y N 72  
DA  N6    H61    sing N N 73  
DA  N6    H62    sing N N 74  
DA  N1    C2     sing Y N 75  
DA  C2    N3     doub Y N 76  
DA  C2    H2     sing N N 77  
DA  N3    C4     sing Y N 78  
DC  OP3   P      sing N N 79  
DC  OP3   HOP3   sing N N 80  
DC  P     OP1    doub N N 81  
DC  P     OP2    sing N N 82  
DC  P     "O5'"  sing N N 83  
DC  OP2   HOP2   sing N N 84  
DC  "O5'" "C5'"  sing N N 85  
DC  "C5'" "C4'"  sing N N 86  
DC  "C5'" "H5'"  sing N N 87  
DC  "C5'" "H5''" sing N N 88  
DC  "C4'" "O4'"  sing N N 89  
DC  "C4'" "C3'"  sing N N 90  
DC  "C4'" "H4'"  sing N N 91  
DC  "O4'" "C1'"  sing N N 92  
DC  "C3'" "O3'"  sing N N 93  
DC  "C3'" "C2'"  sing N N 94  
DC  "C3'" "H3'"  sing N N 95  
DC  "O3'" "HO3'" sing N N 96  
DC  "C2'" "C1'"  sing N N 97  
DC  "C2'" "H2'"  sing N N 98  
DC  "C2'" "H2''" sing N N 99  
DC  "C1'" N1     sing N N 100 
DC  "C1'" "H1'"  sing N N 101 
DC  N1    C2     sing N N 102 
DC  N1    C6     sing N N 103 
DC  C2    O2     doub N N 104 
DC  C2    N3     sing N N 105 
DC  N3    C4     doub N N 106 
DC  C4    N4     sing N N 107 
DC  C4    C5     sing N N 108 
DC  N4    H41    sing N N 109 
DC  N4    H42    sing N N 110 
DC  C5    C6     doub N N 111 
DC  C5    H5     sing N N 112 
DC  C6    H6     sing N N 113 
DG  OP3   P      sing N N 114 
DG  OP3   HOP3   sing N N 115 
DG  P     OP1    doub N N 116 
DG  P     OP2    sing N N 117 
DG  P     "O5'"  sing N N 118 
DG  OP2   HOP2   sing N N 119 
DG  "O5'" "C5'"  sing N N 120 
DG  "C5'" "C4'"  sing N N 121 
DG  "C5'" "H5'"  sing N N 122 
DG  "C5'" "H5''" sing N N 123 
DG  "C4'" "O4'"  sing N N 124 
DG  "C4'" "C3'"  sing N N 125 
DG  "C4'" "H4'"  sing N N 126 
DG  "O4'" "C1'"  sing N N 127 
DG  "C3'" "O3'"  sing N N 128 
DG  "C3'" "C2'"  sing N N 129 
DG  "C3'" "H3'"  sing N N 130 
DG  "O3'" "HO3'" sing N N 131 
DG  "C2'" "C1'"  sing N N 132 
DG  "C2'" "H2'"  sing N N 133 
DG  "C2'" "H2''" sing N N 134 
DG  "C1'" N9     sing N N 135 
DG  "C1'" "H1'"  sing N N 136 
DG  N9    C8     sing Y N 137 
DG  N9    C4     sing Y N 138 
DG  C8    N7     doub Y N 139 
DG  C8    H8     sing N N 140 
DG  N7    C5     sing Y N 141 
DG  C5    C6     sing N N 142 
DG  C5    C4     doub Y N 143 
DG  C6    O6     doub N N 144 
DG  C6    N1     sing N N 145 
DG  N1    C2     sing N N 146 
DG  N1    H1     sing N N 147 
DG  C2    N2     sing N N 148 
DG  C2    N3     doub N N 149 
DG  N2    H21    sing N N 150 
DG  N2    H22    sing N N 151 
DG  N3    C4     sing N N 152 
DT  OP3   P      sing N N 153 
DT  OP3   HOP3   sing N N 154 
DT  P     OP1    doub N N 155 
DT  P     OP2    sing N N 156 
DT  P     "O5'"  sing N N 157 
DT  OP2   HOP2   sing N N 158 
DT  "O5'" "C5'"  sing N N 159 
DT  "C5'" "C4'"  sing N N 160 
DT  "C5'" "H5'"  sing N N 161 
DT  "C5'" "H5''" sing N N 162 
DT  "C4'" "O4'"  sing N N 163 
DT  "C4'" "C3'"  sing N N 164 
DT  "C4'" "H4'"  sing N N 165 
DT  "O4'" "C1'"  sing N N 166 
DT  "C3'" "O3'"  sing N N 167 
DT  "C3'" "C2'"  sing N N 168 
DT  "C3'" "H3'"  sing N N 169 
DT  "O3'" "HO3'" sing N N 170 
DT  "C2'" "C1'"  sing N N 171 
DT  "C2'" "H2'"  sing N N 172 
DT  "C2'" "H2''" sing N N 173 
DT  "C1'" N1     sing N N 174 
DT  "C1'" "H1'"  sing N N 175 
DT  N1    C2     sing N N 176 
DT  N1    C6     sing N N 177 
DT  C2    O2     doub N N 178 
DT  C2    N3     sing N N 179 
DT  N3    C4     sing N N 180 
DT  N3    H3     sing N N 181 
DT  C4    O4     doub N N 182 
DT  C4    C5     sing N N 183 
DT  C5    C7     sing N N 184 
DT  C5    C6     doub N N 185 
DT  C7    H71    sing N N 186 
DT  C7    H72    sing N N 187 
DT  C7    H73    sing N N 188 
DT  C6    H6     sing N N 189 
# 
loop_
_ndb_struct_conf_na.entry_id 
_ndb_struct_conf_na.feature 
2ROU 'double helix'         
2ROU 'mismatched base pair' 
# 
loop_
_ndb_struct_na_base_pair.model_number 
_ndb_struct_na_base_pair.i_label_asym_id 
_ndb_struct_na_base_pair.i_label_comp_id 
_ndb_struct_na_base_pair.i_label_seq_id 
_ndb_struct_na_base_pair.i_symmetry 
_ndb_struct_na_base_pair.j_label_asym_id 
_ndb_struct_na_base_pair.j_label_comp_id 
_ndb_struct_na_base_pair.j_label_seq_id 
_ndb_struct_na_base_pair.j_symmetry 
_ndb_struct_na_base_pair.shear 
_ndb_struct_na_base_pair.stretch 
_ndb_struct_na_base_pair.stagger 
_ndb_struct_na_base_pair.buckle 
_ndb_struct_na_base_pair.propeller 
_ndb_struct_na_base_pair.opening 
_ndb_struct_na_base_pair.pair_number 
_ndb_struct_na_base_pair.pair_name 
_ndb_struct_na_base_pair.i_auth_asym_id 
_ndb_struct_na_base_pair.i_auth_seq_id 
_ndb_struct_na_base_pair.i_PDB_ins_code 
_ndb_struct_na_base_pair.j_auth_asym_id 
_ndb_struct_na_base_pair.j_auth_seq_id 
_ndb_struct_na_base_pair.j_PDB_ins_code 
_ndb_struct_na_base_pair.hbond_type_28 
_ndb_struct_na_base_pair.hbond_type_12 
1 A DA 1  1_555 B DT 13 1_555 0.023  -0.150 0.322  -30.965 1.518   10.237 1  A_DA1:DT26_B  A 1  ? B 26 ? 20 1 
1 A DT 2  1_555 B DA 12 1_555 -0.050 -0.080 0.047  -13.122 0.178   -6.033 2  A_DT2:DA25_B  A 2  ? B 25 ? 20 1 
1 A DC 3  1_555 B DG 11 1_555 0.176  -0.128 0.068  -12.604 5.285   -2.523 3  A_DC3:DG24_B  A 3  ? B 24 ? 19 1 
1 A DG 4  1_555 B DC 10 1_555 -0.218 -0.115 0.312  9.036   -2.270  0.131  4  A_DG4:DC23_B  A 4  ? B 23 ? 19 1 
1 A DC 5  1_555 B DG 9  1_555 0.203  -0.072 -0.315 13.105  1.704   -1.247 5  A_DC5:DG22_B  A 5  ? B 22 ? 19 1 
1 A DG 6  1_555 B DC 8  1_555 0.168  0.009  0.064  -2.242  14.213  -2.555 6  A_DG6:DC21_B  A 6  ? B 21 ? 19 1 
1 A DC 7  1_555 B DG 7  1_555 0.413  -0.157 0.639  -29.898 11.017  -4.222 7  A_DC7:DG20_B  A 7  ? B 20 ? 19 1 
1 A DG 8  1_555 B DC 6  1_555 -0.094 -0.116 -0.337 -3.702  1.057   -2.537 8  A_DG8:DC19_B  A 8  ? B 19 ? 19 1 
1 A DG 9  1_555 B DC 5  1_555 -0.193 -0.095 -0.030 0.015   3.270   -1.614 9  A_DG9:DC18_B  A 9  ? B 18 ? 19 1 
1 A DC 10 1_555 B DG 4  1_555 0.226  -0.096 0.083  1.869   -0.822  0.931  10 A_DC10:DG17_B A 10 ? B 17 ? 19 1 
1 A DA 11 1_555 B DT 3  1_555 -0.083 -0.175 0.041  0.986   -12.507 1.924  11 A_DA11:DT16_B A 11 ? B 16 ? 20 1 
1 A DT 12 1_555 B DA 2  1_555 -0.045 -0.109 0.012  -17.452 -15.401 -3.862 12 A_DT12:DA15_B A 12 ? B 15 ? 20 1 
1 A DG 13 1_555 B DC 1  1_555 -0.175 -0.107 -0.406 -11.333 -7.737  -2.508 13 A_DG13:DC14_B A 13 ? B 14 ? 19 1 
# 
loop_
_ndb_struct_na_base_pair_step.model_number 
_ndb_struct_na_base_pair_step.i_label_asym_id_1 
_ndb_struct_na_base_pair_step.i_label_comp_id_1 
_ndb_struct_na_base_pair_step.i_label_seq_id_1 
_ndb_struct_na_base_pair_step.i_symmetry_1 
_ndb_struct_na_base_pair_step.j_label_asym_id_1 
_ndb_struct_na_base_pair_step.j_label_comp_id_1 
_ndb_struct_na_base_pair_step.j_label_seq_id_1 
_ndb_struct_na_base_pair_step.j_symmetry_1 
_ndb_struct_na_base_pair_step.i_label_asym_id_2 
_ndb_struct_na_base_pair_step.i_label_comp_id_2 
_ndb_struct_na_base_pair_step.i_label_seq_id_2 
_ndb_struct_na_base_pair_step.i_symmetry_2 
_ndb_struct_na_base_pair_step.j_label_asym_id_2 
_ndb_struct_na_base_pair_step.j_label_comp_id_2 
_ndb_struct_na_base_pair_step.j_label_seq_id_2 
_ndb_struct_na_base_pair_step.j_symmetry_2 
_ndb_struct_na_base_pair_step.shift 
_ndb_struct_na_base_pair_step.slide 
_ndb_struct_na_base_pair_step.rise 
_ndb_struct_na_base_pair_step.tilt 
_ndb_struct_na_base_pair_step.roll 
_ndb_struct_na_base_pair_step.twist 
_ndb_struct_na_base_pair_step.x_displacement 
_ndb_struct_na_base_pair_step.y_displacement 
_ndb_struct_na_base_pair_step.helical_rise 
_ndb_struct_na_base_pair_step.inclination 
_ndb_struct_na_base_pair_step.tip 
_ndb_struct_na_base_pair_step.helical_twist 
_ndb_struct_na_base_pair_step.step_number 
_ndb_struct_na_base_pair_step.step_name 
_ndb_struct_na_base_pair_step.i_auth_asym_id_1 
_ndb_struct_na_base_pair_step.i_auth_seq_id_1 
_ndb_struct_na_base_pair_step.i_PDB_ins_code_1 
_ndb_struct_na_base_pair_step.j_auth_asym_id_1 
_ndb_struct_na_base_pair_step.j_auth_seq_id_1 
_ndb_struct_na_base_pair_step.j_PDB_ins_code_1 
_ndb_struct_na_base_pair_step.i_auth_asym_id_2 
_ndb_struct_na_base_pair_step.i_auth_seq_id_2 
_ndb_struct_na_base_pair_step.i_PDB_ins_code_2 
_ndb_struct_na_base_pair_step.j_auth_asym_id_2 
_ndb_struct_na_base_pair_step.j_auth_seq_id_2 
_ndb_struct_na_base_pair_step.j_PDB_ins_code_2 
1 A DA 1  1_555 B DT 13 1_555 A DT 2  1_555 B DA 12 1_555 -1.449 -0.971 2.819 6.732  -3.559  30.256 -1.242 3.762  2.541 -6.687  
-12.647 31.178 1  AA_DA1DT2:DA25DT26_BB   A 1  ? B 26 ? A 2  ? B 25 ? 
1 A DT 2  1_555 B DA 12 1_555 A DC 3  1_555 B DG 11 1_555 -0.297 -0.583 3.072 -1.495 5.062   37.739 -1.490 0.279  2.981 7.778   
2.298   38.093 2  AA_DT2DC3:DG24DA25_BB   A 2  ? B 25 ? A 3  ? B 24 ? 
1 A DC 3  1_555 B DG 11 1_555 A DG 4  1_555 B DC 10 1_555 -0.119 -0.405 2.707 -5.242 2.118   31.252 -1.063 -0.579 2.658 3.892   
9.632   31.747 3  AA_DC3DG4:DC23DG24_BB   A 3  ? B 24 ? A 4  ? B 23 ? 
1 A DG 4  1_555 B DC 10 1_555 A DC 5  1_555 B DG 9  1_555 0.065  -0.508 3.257 2.309  -2.652  38.138 -0.442 0.191  3.282 -4.048  
-3.525  38.294 4  AA_DG4DC5:DG22DC23_BB   A 4  ? B 23 ? A 5  ? B 22 ? 
1 A DC 5  1_555 B DG 9  1_555 A DG 6  1_555 B DC 8  1_555 -1.721 -0.052 3.462 -6.996 15.569  35.703 -2.117 1.633  3.419 23.791  
10.690  39.454 5  AA_DC5DG6:DC21DG22_BB   A 5  ? B 22 ? A 6  ? B 21 ? 
1 A DC 7  1_555 B DG 7  1_555 A DG 8  1_555 B DC 6  1_555 -0.191 -0.928 2.923 1.933  -7.967  27.397 -0.193 0.797  3.046 -16.361 
-3.969  28.575 6  AA_DC7DG8:DC19DG20_BB   A 7  ? B 20 ? A 8  ? B 19 ? 
1 A DG 8  1_555 B DC 6  1_555 A DG 9  1_555 B DC 5  1_555 0.065  -1.081 3.382 -1.875 -12.038 35.726 0.025  -0.365 3.543 -18.956 
2.952   37.682 7  AA_DG8DG9:DC18DC19_BB   A 8  ? B 19 ? A 9  ? B 18 ? 
1 A DG 9  1_555 B DC 5  1_555 A DC 10 1_555 B DG 4  1_555 0.252  -0.633 3.208 -1.124 -5.313  39.736 -0.321 -0.495 3.254 -7.773  
1.644   40.091 8  AA_DG9DC10:DG17DC18_BB  A 9  ? B 18 ? A 10 ? B 17 ? 
1 A DC 10 1_555 B DG 4  1_555 A DA 11 1_555 B DT 3  1_555 1.069  -0.842 3.707 7.285  -14.385 37.242 0.743  -0.553 3.897 -21.343 
-10.809 40.469 9  AA_DC10DA11:DT16DG17_BB A 10 ? B 17 ? A 11 ? B 16 ? 
1 A DA 11 1_555 B DT 3  1_555 A DT 12 1_555 B DA 2  1_555 -0.515 -1.438 3.902 2.716  -6.763  27.391 -1.001 1.831  4.064 -13.971 
-5.611  28.326 10 AA_DA11DT12:DA15DT16_BB A 11 ? B 16 ? A 12 ? B 15 ? 
1 A DT 12 1_555 B DA 2  1_555 A DG 13 1_555 B DC 1  1_555 -0.172 0.091  2.995 1.351  13.459  39.626 -1.176 0.373  2.870 19.188  
-1.926  41.784 11 AA_DT12DG13:DC14DA15_BB A 12 ? B 15 ? A 13 ? B 14 ? 
# 
_pdbx_nmr_spectrometer.field_strength    800 
_pdbx_nmr_spectrometer.manufacturer      Bruker 
_pdbx_nmr_spectrometer.model             AM 
_pdbx_nmr_spectrometer.spectrometer_id   1 
_pdbx_nmr_spectrometer.type              'Bruker AM' 
# 
_atom_sites.entry_id                    2ROU 
_atom_sites.fract_transf_matrix[1][1]   1.000000 
_atom_sites.fract_transf_matrix[1][2]   0.000000 
_atom_sites.fract_transf_matrix[1][3]   0.000000 
_atom_sites.fract_transf_matrix[2][1]   0.000000 
_atom_sites.fract_transf_matrix[2][2]   1.000000 
_atom_sites.fract_transf_matrix[2][3]   0.000000 
_atom_sites.fract_transf_matrix[3][1]   0.000000 
_atom_sites.fract_transf_matrix[3][2]   0.000000 
_atom_sites.fract_transf_matrix[3][3]   1.000000 
_atom_sites.fract_transf_vector[1]      0.00000 
_atom_sites.fract_transf_vector[2]      0.00000 
_atom_sites.fract_transf_vector[3]      0.00000 
# 
loop_
_atom_type.symbol 
C 
H 
N 
O 
P 
# 
loop_
_atom_site.group_PDB 
_atom_site.id 
_atom_site.type_symbol 
_atom_site.label_atom_id 
_atom_site.label_alt_id 
_atom_site.label_comp_id 
_atom_site.label_asym_id 
_atom_site.label_entity_id 
_atom_site.label_seq_id 
_atom_site.pdbx_PDB_ins_code 
_atom_site.Cartn_x 
_atom_site.Cartn_y 
_atom_site.Cartn_z 
_atom_site.occupancy 
_atom_site.B_iso_or_equiv 
_atom_site.pdbx_formal_charge 
_atom_site.auth_seq_id 
_atom_site.auth_comp_id 
_atom_site.auth_asym_id 
_atom_site.auth_atom_id 
_atom_site.pdbx_PDB_model_num 
ATOM   1   O "O5'"  . DA  A 1 1  ? 6.026   22.448  13.369  1.00 0.00 ? 1  DA  A "O5'"  1 
ATOM   2   C "C5'"  . DA  A 1 1  ? 4.857   23.135  13.824  1.00 0.00 ? 1  DA  A "C5'"  1 
ATOM   3   C "C4'"  . DA  A 1 1  ? 3.632   22.755  13.015  1.00 0.00 ? 1  DA  A "C4'"  1 
ATOM   4   O "O4'"  . DA  A 1 1  ? 3.870   22.936  11.600  1.00 0.00 ? 1  DA  A "O4'"  1 
ATOM   5   C "C3'"  . DA  A 1 1  ? 3.252   21.297  13.242  1.00 0.00 ? 1  DA  A "C3'"  1 
ATOM   6   O "O3'"  . DA  A 1 1  ? 1.977   21.210  13.898  1.00 0.00 ? 1  DA  A "O3'"  1 
ATOM   7   C "C2'"  . DA  A 1 1  ? 3.214   20.673  11.868  1.00 0.00 ? 1  DA  A "C2'"  1 
ATOM   8   C "C1'"  . DA  A 1 1  ? 3.336   21.810  10.879  1.00 0.00 ? 1  DA  A "C1'"  1 
ATOM   9   N N9     . DA  A 1 1  ? 4.189   21.437  9.731   1.00 0.00 ? 1  DA  A N9     1 
ATOM   10  C C8     . DA  A 1 1  ? 5.530   21.266  9.653   1.00 0.00 ? 1  DA  A C8     1 
ATOM   11  N N7     . DA  A 1 1  ? 6.031   20.980  8.495   1.00 0.00 ? 1  DA  A N7     1 
ATOM   12  C C5     . DA  A 1 1  ? 4.886   20.949  7.696   1.00 0.00 ? 1  DA  A C5     1 
ATOM   13  C C6     . DA  A 1 1  ? 4.681   20.700  6.333   1.00 0.00 ? 1  DA  A C6     1 
ATOM   14  N N6     . DA  A 1 1  ? 5.667   20.447  5.470   1.00 0.00 ? 1  DA  A N6     1 
ATOM   15  N N1     . DA  A 1 1  ? 3.417   20.746  5.887   1.00 0.00 ? 1  DA  A N1     1 
ATOM   16  C C2     . DA  A 1 1  ? 2.414   21.019  6.721   1.00 0.00 ? 1  DA  A C2     1 
ATOM   17  N N3     . DA  A 1 1  ? 2.494   21.276  8.015   1.00 0.00 ? 1  DA  A N3     1 
ATOM   18  C C4     . DA  A 1 1  ? 3.764   21.225  8.444   1.00 0.00 ? 1  DA  A C4     1 
ATOM   19  H "H5'"  . DA  A 1 1  ? 5.007   24.205  13.729  1.00 0.00 ? 1  DA  A "H5'"  1 
ATOM   20  H "H5''" . DA  A 1 1  ? 4.683   22.892  14.872  1.00 0.00 ? 1  DA  A "H5''" 1 
ATOM   21  H "H4'"  . DA  A 1 1  ? 2.803   23.391  13.318  1.00 0.00 ? 1  DA  A "H4'"  1 
ATOM   22  H "H3'"  . DA  A 1 1  ? 4.020   20.806  13.845  1.00 0.00 ? 1  DA  A "H3'"  1 
ATOM   23  H "H2'"  . DA  A 1 1  ? 4.051   19.983  11.751  1.00 0.00 ? 1  DA  A "H2'"  1 
ATOM   24  H "H2''" . DA  A 1 1  ? 2.276   20.153  11.717  1.00 0.00 ? 1  DA  A "H2''" 1 
ATOM   25  H "H1'"  . DA  A 1 1  ? 2.342   22.066  10.513  1.00 0.00 ? 1  DA  A "H1'"  1 
ATOM   26  H H8     . DA  A 1 1  ? 6.157   21.334  10.536  1.00 0.00 ? 1  DA  A H8     1 
ATOM   27  H H61    . DA  A 1 1  ? 5.455   20.275  4.497   1.00 0.00 ? 1  DA  A H61    1 
ATOM   28  H H62    . DA  A 1 1  ? 6.625   20.426  5.789   1.00 0.00 ? 1  DA  A H62    1 
ATOM   29  H H2     . DA  A 1 1  ? 1.417   21.010  6.294   1.00 0.00 ? 1  DA  A H2     1 
ATOM   30  H "HO5'" . DA  A 1 1  ? 5.959   22.374  12.415  1.00 0.00 ? 1  DA  A "HO5'" 1 
ATOM   31  P P      . DT  A 1 2  ? 1.206   19.801  14.055  1.00 0.00 ? 2  DT  A P      1 
ATOM   32  O OP1    . DT  A 1 2  ? 0.327   19.887  15.243  1.00 0.00 ? 2  DT  A OP1    1 
ATOM   33  O OP2    . DT  A 1 2  ? 2.201   18.709  13.954  1.00 0.00 ? 2  DT  A OP2    1 
ATOM   34  O "O5'"  . DT  A 1 2  ? 0.278   19.761  12.737  1.00 0.00 ? 2  DT  A "O5'"  1 
ATOM   35  C "C5'"  . DT  A 1 2  ? -0.910  20.558  12.649  1.00 0.00 ? 2  DT  A "C5'"  1 
ATOM   36  C "C4'"  . DT  A 1 2  ? -1.700  20.255  11.373  1.00 0.00 ? 2  DT  A "C4'"  1 
ATOM   37  O "O4'"  . DT  A 1 2  ? -0.864  20.355  10.187  1.00 0.00 ? 2  DT  A "O4'"  1 
ATOM   38  C "C3'"  . DT  A 1 2  ? -2.278  18.839  11.404  1.00 0.00 ? 2  DT  A "C3'"  1 
ATOM   39  O "O3'"  . DT  A 1 2  ? -3.701  18.876  11.175  1.00 0.00 ? 2  DT  A "O3'"  1 
ATOM   40  C "C2'"  . DT  A 1 2  ? -1.562  18.104  10.300  1.00 0.00 ? 2  DT  A "C2'"  1 
ATOM   41  C "C1'"  . DT  A 1 2  ? -1.079  19.188  9.365   1.00 0.00 ? 2  DT  A "C1'"  1 
ATOM   42  N N1     . DT  A 1 2  ? 0.136   18.801  8.611   1.00 0.00 ? 2  DT  A N1     1 
ATOM   43  C C2     . DT  A 1 2  ? 0.067   18.882  7.227   1.00 0.00 ? 2  DT  A C2     1 
ATOM   44  O O2     . DT  A 1 2  ? -0.949  19.253  6.640   1.00 0.00 ? 2  DT  A O2     1 
ATOM   45  N N3     . DT  A 1 2  ? 1.209   18.526  6.538   1.00 0.00 ? 2  DT  A N3     1 
ATOM   46  C C4     . DT  A 1 2  ? 2.398   18.106  7.104   1.00 0.00 ? 2  DT  A C4     1 
ATOM   47  O O4     . DT  A 1 2  ? 3.355   17.804  6.401   1.00 0.00 ? 2  DT  A O4     1 
ATOM   48  C C5     . DT  A 1 2  ? 2.375   18.061  8.545   1.00 0.00 ? 2  DT  A C5     1 
ATOM   49  C C7     . DT  A 1 2  ? 3.625   17.676  9.304   1.00 0.00 ? 2  DT  A C7     1 
ATOM   50  C C6     . DT  A 1 2  ? 1.282   18.392  9.238   1.00 0.00 ? 2  DT  A C6     1 
ATOM   51  H "H5'"  . DT  A 1 2  ? -0.639  21.618  12.663  1.00 0.00 ? 2  DT  A "H5'"  1 
ATOM   52  H "H5''" . DT  A 1 2  ? -1.541  20.346  13.514  1.00 0.00 ? 2  DT  A "H5''" 1 
ATOM   53  H "H4'"  . DT  A 1 2  ? -2.519  20.968  11.286  1.00 0.00 ? 2  DT  A "H4'"  1 
ATOM   54  H "H3'"  . DT  A 1 2  ? -2.061  18.368  12.365  1.00 0.00 ? 2  DT  A "H3'"  1 
ATOM   55  H "H2'"  . DT  A 1 2  ? -0.710  17.549  10.711  1.00 0.00 ? 2  DT  A "H2'"  1 
ATOM   56  H "H2''" . DT  A 1 2  ? -2.252  17.433  9.784   1.00 0.00 ? 2  DT  A "H2''" 1 
ATOM   57  H "H1'"  . DT  A 1 2  ? -1.872  19.399  8.653   1.00 0.00 ? 2  DT  A "H1'"  1 
ATOM   58  H H3     . DT  A 1 2  ? 1.175   18.584  5.531   1.00 0.00 ? 2  DT  A H3     1 
ATOM   59  H H71    . DT  A 1 2  ? 4.421   17.449  8.598   1.00 0.00 ? 2  DT  A H71    1 
ATOM   60  H H72    . DT  A 1 2  ? 3.416   16.803  9.919   1.00 0.00 ? 2  DT  A H72    1 
ATOM   61  H H73    . DT  A 1 2  ? 3.926   18.508  9.941   1.00 0.00 ? 2  DT  A H73    1 
ATOM   62  H H6     . DT  A 1 2  ? 1.312   18.312  10.320  1.00 0.00 ? 2  DT  A H6     1 
ATOM   63  P P      . DC  A 1 3  ? -4.531  17.574  10.689  1.00 0.00 ? 3  DC  A P      1 
ATOM   64  O OP1    . DC  A 1 3  ? -5.925  17.715  11.166  1.00 0.00 ? 3  DC  A OP1    1 
ATOM   65  O OP2    . DC  A 1 3  ? -3.753  16.365  11.042  1.00 0.00 ? 3  DC  A OP2    1 
ATOM   66  O "O5'"  . DC  A 1 3  ? -4.531  17.725  9.079   1.00 0.00 ? 3  DC  A "O5'"  1 
ATOM   67  C "C5'"  . DC  A 1 3  ? -5.271  18.777  8.448   1.00 0.00 ? 3  DC  A "C5'"  1 
ATOM   68  C "C4'"  . DC  A 1 3  ? -5.656  18.444  7.001   1.00 0.00 ? 3  DC  A "C4'"  1 
ATOM   69  O "O4'"  . DC  A 1 3  ? -4.500  18.465  6.127   1.00 0.00 ? 3  DC  A "O4'"  1 
ATOM   70  C "C3'"  . DC  A 1 3  ? -6.286  17.063  6.899   1.00 0.00 ? 3  DC  A "C3'"  1 
ATOM   71  O "O3'"  . DC  A 1 3  ? -7.404  17.080  5.995   1.00 0.00 ? 3  DC  A "O3'"  1 
ATOM   72  C "C2'"  . DC  A 1 3  ? -5.171  16.215  6.370   1.00 0.00 ? 3  DC  A "C2'"  1 
ATOM   73  C "C1'"  . DC  A 1 3  ? -4.309  17.156  5.554   1.00 0.00 ? 3  DC  A "C1'"  1 
ATOM   74  N N1     . DC  A 1 3  ? -2.915  16.756  5.659   1.00 0.00 ? 3  DC  A N1     1 
ATOM   75  C C2     . DC  A 1 3  ? -2.180  16.518  4.511   1.00 0.00 ? 3  DC  A C2     1 
ATOM   76  O O2     . DC  A 1 3  ? -2.692  16.649  3.401   1.00 0.00 ? 3  DC  A O2     1 
ATOM   77  N N3     . DC  A 1 3  ? -0.880  16.137  4.657   1.00 0.00 ? 3  DC  A N3     1 
ATOM   78  C C4     . DC  A 1 3  ? -0.341  16.005  5.878   1.00 0.00 ? 3  DC  A C4     1 
ATOM   79  N N4     . DC  A 1 3  ? 0.932   15.623  5.993   1.00 0.00 ? 3  DC  A N4     1 
ATOM   80  C C5     . DC  A 1 3  ? -1.115  16.260  7.055   1.00 0.00 ? 3  DC  A C5     1 
ATOM   81  C C6     . DC  A 1 3  ? -2.398  16.629  6.883   1.00 0.00 ? 3  DC  A C6     1 
ATOM   82  H "H5'"  . DC  A 1 3  ? -4.665  19.680  8.448   1.00 0.00 ? 3  DC  A "H5'"  1 
ATOM   83  H "H5''" . DC  A 1 3  ? -6.181  18.961  9.020   1.00 0.00 ? 3  DC  A "H5''" 1 
ATOM   84  H "H4'"  . DC  A 1 3  ? -6.360  19.176  6.654   1.00 0.00 ? 3  DC  A "H4'"  1 
ATOM   85  H "H3'"  . DC  A 1 3  ? -6.598  16.712  7.886   1.00 0.00 ? 3  DC  A "H3'"  1 
ATOM   86  H "H2'"  . DC  A 1 3  ? -4.600  15.807  7.201   1.00 0.00 ? 3  DC  A "H2'"  1 
ATOM   87  H "H2''" . DC  A 1 3  ? -5.532  15.420  5.761   1.00 0.00 ? 3  DC  A "H2''" 1 
ATOM   88  H "H1'"  . DC  A 1 3  ? -4.624  17.152  4.512   1.00 0.00 ? 3  DC  A "H1'"  1 
ATOM   89  H H41    . DC  A 1 3  ? 1.347   15.515  6.907   1.00 0.00 ? 3  DC  A H41    1 
ATOM   90  H H42    . DC  A 1 3  ? 1.482   15.439  5.165   1.00 0.00 ? 3  DC  A H42    1 
ATOM   91  H H5     . DC  A 1 3  ? -0.674  16.193  8.046   1.00 0.00 ? 3  DC  A H5     1 
ATOM   92  H H6     . DC  A 1 3  ? -3.061  16.813  7.732   1.00 0.00 ? 3  DC  A H6     1 
ATOM   93  P P      . DG  A 1 4  ? -8.157  15.718  5.566   1.00 0.00 ? 4  DG  A P      1 
ATOM   94  O OP1    . DG  A 1 4  ? -9.591  16.028  5.370   1.00 0.00 ? 4  DG  A OP1    1 
ATOM   95  O OP2    . DG  A 1 4  ? -7.758  14.648  6.507   1.00 0.00 ? 4  DG  A OP2    1 
ATOM   96  O "O5'"  . DG  A 1 4  ? -7.511  15.389  4.126   1.00 0.00 ? 4  DG  A "O5'"  1 
ATOM   97  C "C5'"  . DG  A 1 4  ? -7.886  16.146  2.969   1.00 0.00 ? 4  DG  A "C5'"  1 
ATOM   98  C "C4'"  . DG  A 1 4  ? -7.254  15.595  1.689   1.00 0.00 ? 4  DG  A "C4'"  1 
ATOM   99  O "O4'"  . DG  A 1 4  ? -5.809  15.582  1.793   1.00 0.00 ? 4  DG  A "O4'"  1 
ATOM   100 C "C3'"  . DG  A 1 4  ? -7.711  14.165  1.412   1.00 0.00 ? 4  DG  A "C3'"  1 
ATOM   101 O "O3'"  . DG  A 1 4  ? -8.138  14.026  0.046   1.00 0.00 ? 4  DG  A "O3'"  1 
ATOM   102 C "C2'"  . DG  A 1 4  ? -6.501  13.316  1.692   1.00 0.00 ? 4  DG  A "C2'"  1 
ATOM   103 C "C1'"  . DG  A 1 4  ? -5.317  14.248  1.550   1.00 0.00 ? 4  DG  A "C1'"  1 
ATOM   104 N N9     . DG  A 1 4  ? -4.247  13.908  2.501   1.00 0.00 ? 4  DG  A N9     1 
ATOM   105 C C8     . DG  A 1 4  ? -4.283  13.842  3.852   1.00 0.00 ? 4  DG  A C8     1 
ATOM   106 N N7     . DG  A 1 4  ? -3.186  13.553  4.467   1.00 0.00 ? 4  DG  A N7     1 
ATOM   107 C C5     . DG  A 1 4  ? -2.296  13.399  3.400   1.00 0.00 ? 4  DG  A C5     1 
ATOM   108 C C6     . DG  A 1 4  ? -0.913  13.076  3.408   1.00 0.00 ? 4  DG  A C6     1 
ATOM   109 O O6     . DG  A 1 4  ? -0.185  12.862  4.375   1.00 0.00 ? 4  DG  A O6     1 
ATOM   110 N N1     . DG  A 1 4  ? -0.397  13.021  2.119   1.00 0.00 ? 4  DG  A N1     1 
ATOM   111 C C2     . DG  A 1 4  ? -1.119  13.251  0.962   1.00 0.00 ? 4  DG  A C2     1 
ATOM   112 N N2     . DG  A 1 4  ? -0.449  13.150  -0.185  1.00 0.00 ? 4  DG  A N2     1 
ATOM   113 N N3     . DG  A 1 4  ? -2.417  13.557  0.949   1.00 0.00 ? 4  DG  A N3     1 
ATOM   114 C C4     . DG  A 1 4  ? -2.941  13.615  2.193   1.00 0.00 ? 4  DG  A C4     1 
ATOM   115 H "H5'"  . DG  A 1 4  ? -7.565  17.180  3.104   1.00 0.00 ? 4  DG  A "H5'"  1 
ATOM   116 H "H5''" . DG  A 1 4  ? -8.971  16.124  2.866   1.00 0.00 ? 4  DG  A "H5''" 1 
ATOM   117 H "H4'"  . DG  A 1 4  ? -7.539  16.228  0.852   1.00 0.00 ? 4  DG  A "H4'"  1 
ATOM   118 H "H3'"  . DG  A 1 4  ? -8.521  13.895  2.092   1.00 0.00 ? 4  DG  A "H3'"  1 
ATOM   119 H "H2'"  . DG  A 1 4  ? -6.549  12.921  2.707   1.00 0.00 ? 4  DG  A "H2'"  1 
ATOM   120 H "H2''" . DG  A 1 4  ? -6.430  12.503  0.973   1.00 0.00 ? 4  DG  A "H2''" 1 
ATOM   121 H "H1'"  . DG  A 1 4  ? -4.932  14.182  0.533   1.00 0.00 ? 4  DG  A "H1'"  1 
ATOM   122 H H8     . DG  A 1 4  ? -5.208  14.027  4.397   1.00 0.00 ? 4  DG  A H8     1 
ATOM   123 H H1     . DG  A 1 4  ? 0.585   12.794  2.044   1.00 0.00 ? 4  DG  A H1     1 
ATOM   124 H H21    . DG  A 1 4  ? -0.925  13.304  -1.062  1.00 0.00 ? 4  DG  A H21    1 
ATOM   125 H H22    . DG  A 1 4  ? 0.534   12.918  -0.178  1.00 0.00 ? 4  DG  A H22    1 
ATOM   126 P P      . DC  A 1 5  ? -8.555  12.590  -0.565  1.00 0.00 ? 5  DC  A P      1 
ATOM   127 O OP1    . DC  A 1 5  ? -9.481  12.824  -1.695  1.00 0.00 ? 5  DC  A OP1    1 
ATOM   128 O OP2    . DC  A 1 5  ? -8.966  11.711  0.554   1.00 0.00 ? 5  DC  A OP2    1 
ATOM   129 O "O5'"  . DC  A 1 5  ? -7.161  12.029  -1.158  1.00 0.00 ? 5  DC  A "O5'"  1 
ATOM   130 C "C5'"  . DC  A 1 5  ? -6.686  12.457  -2.441  1.00 0.00 ? 5  DC  A "C5'"  1 
ATOM   131 C "C4'"  . DC  A 1 5  ? -5.470  11.648  -2.901  1.00 0.00 ? 5  DC  A "C4'"  1 
ATOM   132 O "O4'"  . DC  A 1 5  ? -4.378  11.770  -1.953  1.00 0.00 ? 5  DC  A "O4'"  1 
ATOM   133 C "C3'"  . DC  A 1 5  ? -5.807  10.163  -3.029  1.00 0.00 ? 5  DC  A "C3'"  1 
ATOM   134 O "O3'"  . DC  A 1 5  ? -5.357  9.648   -4.293  1.00 0.00 ? 5  DC  A "O3'"  1 
ATOM   135 C "C2'"  . DC  A 1 5  ? -5.074  9.505   -1.893  1.00 0.00 ? 5  DC  A "C2'"  1 
ATOM   136 C "C1'"  . DC  A 1 5  ? -3.944  10.455  -1.547  1.00 0.00 ? 5  DC  A "C1'"  1 
ATOM   137 N N1     . DC  A 1 5  ? -3.620  10.417  -0.105  1.00 0.00 ? 5  DC  A N1     1 
ATOM   138 C C2     . DC  A 1 5  ? -2.294  10.206  0.252   1.00 0.00 ? 5  DC  A C2     1 
ATOM   139 O O2     . DC  A 1 5  ? -1.432  10.071  -0.614  1.00 0.00 ? 5  DC  A O2     1 
ATOM   140 N N3     . DC  A 1 5  ? -1.982  10.161  1.577   1.00 0.00 ? 5  DC  A N3     1 
ATOM   141 C C4     . DC  A 1 5  ? -2.926  10.316  2.513   1.00 0.00 ? 5  DC  A C4     1 
ATOM   142 N N4     . DC  A 1 5  ? -2.579  10.264  3.802   1.00 0.00 ? 5  DC  A N4     1 
ATOM   143 C C5     . DC  A 1 5  ? -4.294  10.537  2.150   1.00 0.00 ? 5  DC  A C5     1 
ATOM   144 C C6     . DC  A 1 5  ? -4.592  10.579  0.836   1.00 0.00 ? 5  DC  A C6     1 
ATOM   145 H "H5'"  . DC  A 1 5  ? -6.407  13.510  -2.382  1.00 0.00 ? 5  DC  A "H5'"  1 
ATOM   146 H "H5''" . DC  A 1 5  ? -7.486  12.343  -3.173  1.00 0.00 ? 5  DC  A "H5''" 1 
ATOM   147 H "H4'"  . DC  A 1 5  ? -5.140  12.021  -3.869  1.00 0.00 ? 5  DC  A "H4'"  1 
ATOM   148 H "H3'"  . DC  A 1 5  ? -6.883  10.013  -2.917  1.00 0.00 ? 5  DC  A "H3'"  1 
ATOM   149 H "H2'"  . DC  A 1 5  ? -5.743  9.389   -1.040  1.00 0.00 ? 5  DC  A "H2'"  1 
ATOM   150 H "H2''" . DC  A 1 5  ? -4.682  8.538   -2.198  1.00 0.00 ? 5  DC  A "H2''" 1 
ATOM   151 H "H1'"  . DC  A 1 5  ? -3.060  10.179  -2.123  1.00 0.00 ? 5  DC  A "H1'"  1 
ATOM   152 H H41    . DC  A 1 5  ? -3.281  10.380  4.520   1.00 0.00 ? 5  DC  A H41    1 
ATOM   153 H H42    . DC  A 1 5  ? -1.616  10.098  4.060   1.00 0.00 ? 5  DC  A H42    1 
ATOM   154 H H5     . DC  A 1 5  ? -5.066  10.668  2.908   1.00 0.00 ? 5  DC  A H5     1 
ATOM   155 H H6     . DC  A 1 5  ? -5.622  10.743  0.521   1.00 0.00 ? 5  DC  A H6     1 
ATOM   156 P P      . DG  A 1 6  ? -5.884  8.228   -4.854  1.00 0.00 ? 6  DG  A P      1 
ATOM   157 O OP1    . DG  A 1 6  ? -6.534  8.470   -6.162  1.00 0.00 ? 6  DG  A OP1    1 
ATOM   158 O OP2    . DG  A 1 6  ? -6.634  7.546   -3.776  1.00 0.00 ? 6  DG  A OP2    1 
ATOM   159 O "O5'"  . DG  A 1 6  ? -4.513  7.408   -5.108  1.00 0.00 ? 6  DG  A "O5'"  1 
ATOM   160 C "C5'"  . DG  A 1 6  ? -3.795  7.553   -6.338  1.00 0.00 ? 6  DG  A "C5'"  1 
ATOM   161 C "C4'"  . DG  A 1 6  ? -2.480  6.754   -6.361  1.00 0.00 ? 6  DG  A "C4'"  1 
ATOM   162 O "O4'"  . DG  A 1 6  ? -1.606  7.130   -5.270  1.00 0.00 ? 6  DG  A "O4'"  1 
ATOM   163 C "C3'"  . DG  A 1 6  ? -2.725  5.255   -6.258  1.00 0.00 ? 6  DG  A "C3'"  1 
ATOM   164 O "O3'"  . DG  A 1 6  ? -1.913  4.557   -7.214  1.00 0.00 ? 6  DG  A "O3'"  1 
ATOM   165 C "C2'"  . DG  A 1 6  ? -2.333  4.896   -4.847  1.00 0.00 ? 6  DG  A "C2'"  1 
ATOM   166 C "C1'"  . DG  A 1 6  ? -1.383  5.997   -4.389  1.00 0.00 ? 6  DG  A "C1'"  1 
ATOM   167 N N9     . DG  A 1 6  ? -1.689  6.411   -3.013  1.00 0.00 ? 6  DG  A N9     1 
ATOM   168 C C8     . DG  A 1 6  ? -2.690  7.224   -2.622  1.00 0.00 ? 6  DG  A C8     1 
ATOM   169 N N7     . DG  A 1 6  ? -2.800  7.489   -1.368  1.00 0.00 ? 6  DG  A N7     1 
ATOM   170 C C5     . DG  A 1 6  ? -1.735  6.762   -0.826  1.00 0.00 ? 6  DG  A C5     1 
ATOM   171 C C6     . DG  A 1 6  ? -1.318  6.640   0.527   1.00 0.00 ? 6  DG  A C6     1 
ATOM   172 O O6     . DG  A 1 6  ? -1.780  7.185   1.522   1.00 0.00 ? 6  DG  A O6     1 
ATOM   173 N N1     . DG  A 1 6  ? -0.223  5.822   0.653   1.00 0.00 ? 6  DG  A N1     1 
ATOM   174 C C2     . DG  A 1 6  ? 0.427   5.184   -0.377  1.00 0.00 ? 6  DG  A C2     1 
ATOM   175 N N2     . DG  A 1 6  ? 1.468   4.459   0.024   1.00 0.00 ? 6  DG  A N2     1 
ATOM   176 N N3     . DG  A 1 6  ? 0.059   5.287   -1.675  1.00 0.00 ? 6  DG  A N3     1 
ATOM   177 C C4     . DG  A 1 6  ? -1.035  6.090   -1.827  1.00 0.00 ? 6  DG  A C4     1 
ATOM   178 H "H5'"  . DG  A 1 6  ? -3.569  8.609   -6.491  1.00 0.00 ? 6  DG  A "H5'"  1 
ATOM   179 H "H5''" . DG  A 1 6  ? -4.430  7.210   -7.157  1.00 0.00 ? 6  DG  A "H5''" 1 
ATOM   180 H "H4'"  . DG  A 1 6  ? -1.976  6.962   -7.289  1.00 0.00 ? 6  DG  A "H4'"  1 
ATOM   181 H "H3'"  . DG  A 1 6  ? -3.782  5.035   -6.423  1.00 0.00 ? 6  DG  A "H3'"  1 
ATOM   182 H "H2'"  . DG  A 1 6  ? -3.222  4.874   -4.209  1.00 0.00 ? 6  DG  A "H2'"  1 
ATOM   183 H "H2''" . DG  A 1 6  ? -1.832  3.931   -4.824  1.00 0.00 ? 6  DG  A "H2''" 1 
ATOM   184 H "H1'"  . DG  A 1 6  ? -0.350  5.663   -4.460  1.00 0.00 ? 6  DG  A "H1'"  1 
ATOM   185 H H8     . DG  A 1 6  ? -3.383  7.639   -3.364  1.00 0.00 ? 6  DG  A H8     1 
ATOM   186 H H1     . DG  A 1 6  ? 0.123   5.699   1.597   1.00 0.00 ? 6  DG  A H1     1 
ATOM   187 H H22    . DG  A 1 6  ? 1.685   4.423   1.015   1.00 0.00 ? 6  DG  A H22    1 
ATOM   188 P P      . DC  A 1 7  ? -2.354  3.125   -7.803  1.00 0.00 ? 7  DC  A P      1 
ATOM   189 O OP1    . DC  A 1 7  ? -2.730  3.304   -9.224  1.00 0.00 ? 7  DC  A OP1    1 
ATOM   190 O OP2    . DC  A 1 7  ? -3.314  2.509   -6.860  1.00 0.00 ? 7  DC  A OP2    1 
ATOM   191 O "O5'"  . DC  A 1 7  ? -0.982  2.278   -7.749  1.00 0.00 ? 7  DC  A "O5'"  1 
ATOM   192 C "C5'"  . DC  A 1 7  ? 0.273   2.885   -8.085  1.00 0.00 ? 7  DC  A "C5'"  1 
ATOM   193 C "C4'"  . DC  A 1 7  ? 1.451   1.993   -7.691  1.00 0.00 ? 7  DC  A "C4'"  1 
ATOM   194 O "O4'"  . DC  A 1 7  ? 1.334   1.596   -6.304  1.00 0.00 ? 7  DC  A "O4'"  1 
ATOM   195 C "C3'"  . DC  A 1 7  ? 1.487   0.723   -8.536  1.00 0.00 ? 7  DC  A "C3'"  1 
ATOM   196 O "O3'"  . DC  A 1 7  ? 2.822   0.463   -9.004  1.00 0.00 ? 7  DC  A "O3'"  1 
ATOM   197 C "C2'"  . DC  A 1 7  ? 1.010   -0.363  -7.612  1.00 0.00 ? 7  DC  A "C2'"  1 
ATOM   198 C "C1'"  . DC  A 1 7  ? 1.249   0.157   -6.211  1.00 0.00 ? 7  DC  A "C1'"  1 
ATOM   199 N N1     . DC  A 1 7  ? 0.149   -0.251  -5.316  1.00 0.00 ? 7  DC  A N1     1 
ATOM   200 C C2     . DC  A 1 7  ? 0.456   -1.094  -4.261  1.00 0.00 ? 7  DC  A C2     1 
ATOM   201 O O2     . DC  A 1 7  ? 1.622   -1.459  -4.082  1.00 0.00 ? 7  DC  A O2     1 
ATOM   202 N N3     . DC  A 1 7  ? -0.562  -1.488  -3.434  1.00 0.00 ? 7  DC  A N3     1 
ATOM   203 C C4     . DC  A 1 7  ? -1.819  -1.066  -3.644  1.00 0.00 ? 7  DC  A C4     1 
ATOM   204 N N4     . DC  A 1 7  ? -2.792  -1.469  -2.826  1.00 0.00 ? 7  DC  A N4     1 
ATOM   205 C C5     . DC  A 1 7  ? -2.132  -0.194  -4.733  1.00 0.00 ? 7  DC  A C5     1 
ATOM   206 C C6     . DC  A 1 7  ? -1.125  0.184   -5.539  1.00 0.00 ? 7  DC  A C6     1 
ATOM   207 H "H5'"  . DC  A 1 7  ? 0.358   3.837   -7.559  1.00 0.00 ? 7  DC  A "H5'"  1 
ATOM   208 H "H5''" . DC  A 1 7  ? 0.306   3.069   -9.160  1.00 0.00 ? 7  DC  A "H5''" 1 
ATOM   209 H "H4'"  . DC  A 1 7  ? 2.381   2.544   -7.826  1.00 0.00 ? 7  DC  A "H4'"  1 
ATOM   210 H "H3'"  . DC  A 1 7  ? 0.802   0.819   -9.381  1.00 0.00 ? 7  DC  A "H3'"  1 
ATOM   211 H "H2'"  . DC  A 1 7  ? -0.055  -0.537  -7.768  1.00 0.00 ? 7  DC  A "H2'"  1 
ATOM   212 H "H2''" . DC  A 1 7  ? 1.567   -1.284  -7.774  1.00 0.00 ? 7  DC  A "H2''" 1 
ATOM   213 H "H1'"  . DC  A 1 7  ? 2.192   -0.239  -5.833  1.00 0.00 ? 7  DC  A "H1'"  1 
ATOM   214 H H41    . DC  A 1 7  ? -3.740  -1.161  -2.976  1.00 0.00 ? 7  DC  A H41    1 
ATOM   215 H H42    . DC  A 1 7  ? -2.575  -2.079  -2.048  1.00 0.00 ? 7  DC  A H42    1 
ATOM   216 H H5     . DC  A 1 7  ? -3.150  0.156   -4.903  1.00 0.00 ? 7  DC  A H5     1 
ATOM   217 H H6     . DC  A 1 7  ? -1.328  0.842   -6.384  1.00 0.00 ? 7  DC  A H6     1 
ATOM   218 P P      . DG  A 1 8  ? 3.237   -0.978  -9.603  1.00 0.00 ? 8  DG  A P      1 
ATOM   219 O OP1    . DG  A 1 8  ? 4.411   -0.792  -10.483 1.00 0.00 ? 8  DG  A OP1    1 
ATOM   220 O OP2    . DG  A 1 8  ? 2.018   -1.632  -10.129 1.00 0.00 ? 8  DG  A OP2    1 
ATOM   221 O "O5'"  . DG  A 1 8  ? 3.714   -1.781  -8.288  1.00 0.00 ? 8  DG  A "O5'"  1 
ATOM   222 C "C5'"  . DG  A 1 8  ? 4.903   -1.389  -7.593  1.00 0.00 ? 8  DG  A "C5'"  1 
ATOM   223 C "C4'"  . DG  A 1 8  ? 5.232   -2.325  -6.428  1.00 0.00 ? 8  DG  A "C4'"  1 
ATOM   224 O "O4'"  . DG  A 1 8  ? 4.143   -2.373  -5.472  1.00 0.00 ? 8  DG  A "O4'"  1 
ATOM   225 C "C3'"  . DG  A 1 8  ? 5.488   -3.754  -6.908  1.00 0.00 ? 8  DG  A "C3'"  1 
ATOM   226 O "O3'"  . DG  A 1 8  ? 6.769   -4.212  -6.429  1.00 0.00 ? 8  DG  A "O3'"  1 
ATOM   227 C "C2'"  . DG  A 1 8  ? 4.350   -4.560  -6.332  1.00 0.00 ? 8  DG  A "C2'"  1 
ATOM   228 C "C1'"  . DG  A 1 8  ? 3.858   -3.749  -5.157  1.00 0.00 ? 8  DG  A "C1'"  1 
ATOM   229 N N9     . DG  A 1 8  ? 2.421   -3.967  -4.902  1.00 0.00 ? 8  DG  A N9     1 
ATOM   230 C C8     . DG  A 1 8  ? 1.346   -3.756  -5.702  1.00 0.00 ? 8  DG  A C8     1 
ATOM   231 N N7     . DG  A 1 8  ? 0.179   -4.033  -5.217  1.00 0.00 ? 8  DG  A N7     1 
ATOM   232 C C5     . DG  A 1 8  ? 0.504   -4.484  -3.932  1.00 0.00 ? 8  DG  A C5     1 
ATOM   233 C C6     . DG  A 1 8  ? -0.339  -4.943  -2.885  1.00 0.00 ? 8  DG  A C6     1 
ATOM   234 O O6     . DG  A 1 8  ? -1.562  -5.060  -2.883  1.00 0.00 ? 8  DG  A O6     1 
ATOM   235 N N1     . DG  A 1 8  ? 0.393   -5.299  -1.760  1.00 0.00 ? 8  DG  A N1     1 
ATOM   236 C C2     . DG  A 1 8  ? 1.766   -5.227  -1.649  1.00 0.00 ? 8  DG  A C2     1 
ATOM   237 N N2     . DG  A 1 8  ? 2.291   -5.618  -0.489  1.00 0.00 ? 8  DG  A N2     1 
ATOM   238 N N3     . DG  A 1 8  ? 2.565   -4.799  -2.629  1.00 0.00 ? 8  DG  A N3     1 
ATOM   239 C C4     . DG  A 1 8  ? 1.874   -4.445  -3.735  1.00 0.00 ? 8  DG  A C4     1 
ATOM   240 H "H5'"  . DG  A 1 8  ? 4.768   -0.379  -7.207  1.00 0.00 ? 8  DG  A "H5'"  1 
ATOM   241 H "H5''" . DG  A 1 8  ? 5.738   -1.391  -8.294  1.00 0.00 ? 8  DG  A "H5''" 1 
ATOM   242 H "H4'"  . DG  A 1 8  ? 6.124   -1.956  -5.924  1.00 0.00 ? 8  DG  A "H4'"  1 
ATOM   243 H "H3'"  . DG  A 1 8  ? 5.456   -3.791  -8.000  1.00 0.00 ? 8  DG  A "H3'"  1 
ATOM   244 H "H2'"  . DG  A 1 8  ? 3.559   -4.668  -7.072  1.00 0.00 ? 8  DG  A "H2'"  1 
ATOM   245 H "H2''" . DG  A 1 8  ? 4.692   -5.539  -6.001  1.00 0.00 ? 8  DG  A "H2''" 1 
ATOM   246 H "H1'"  . DG  A 1 8  ? 4.424   -4.037  -4.270  1.00 0.00 ? 8  DG  A "H1'"  1 
ATOM   247 H H8     . DG  A 1 8  ? 1.459   -3.360  -6.711  1.00 0.00 ? 8  DG  A H8     1 
ATOM   248 H H1     . DG  A 1 8  ? -0.142  -5.635  -0.971  1.00 0.00 ? 8  DG  A H1     1 
ATOM   249 H H21    . DG  A 1 8  ? 1.688   -5.941  0.255   1.00 0.00 ? 8  DG  A H21    1 
ATOM   250 H H22    . DG  A 1 8  ? 3.290   -5.594  -0.355  1.00 0.00 ? 8  DG  A H22    1 
ATOM   251 P P      . DG  A 1 9  ? 7.124   -5.783  -6.284  1.00 0.00 ? 9  DG  A P      1 
ATOM   252 O OP1    . DG  A 1 9  ? 8.597   -5.927  -6.323  1.00 0.00 ? 9  DG  A OP1    1 
ATOM   253 O OP2    . DG  A 1 9  ? 6.285   -6.542  -7.237  1.00 0.00 ? 9  DG  A OP2    1 
ATOM   254 O "O5'"  . DG  A 1 9  ? 6.624   -6.125  -4.787  1.00 0.00 ? 9  DG  A "O5'"  1 
ATOM   255 C "C5'"  . DG  A 1 9  ? 7.263   -5.530  -3.649  1.00 0.00 ? 9  DG  A "C5'"  1 
ATOM   256 C "C4'"  . DG  A 1 9  ? 6.944   -6.280  -2.353  1.00 0.00 ? 9  DG  A "C4'"  1 
ATOM   257 O "O4'"  . DG  A 1 9  ? 5.517   -6.286  -2.092  1.00 0.00 ? 9  DG  A "O4'"  1 
ATOM   258 C "C3'"  . DG  A 1 9  ? 7.410   -7.730  -2.429  1.00 0.00 ? 9  DG  A "C3'"  1 
ATOM   259 O "O3'"  . DG  A 1 9  ? 8.134   -8.080  -1.235  1.00 0.00 ? 9  DG  A "O3'"  1 
ATOM   260 C "C2'"  . DG  A 1 9  ? 6.139   -8.527  -2.563  1.00 0.00 ? 9  DG  A "C2'"  1 
ATOM   261 C "C1'"  . DG  A 1 9  ? 5.059   -7.646  -1.940  1.00 0.00 ? 9  DG  A "C1'"  1 
ATOM   262 N N9     . DG  A 1 9  ? 3.754   -7.835  -2.603  1.00 0.00 ? 9  DG  A N9     1 
ATOM   263 C C8     . DG  A 1 9  ? 3.395   -7.621  -3.894  1.00 0.00 ? 9  DG  A C8     1 
ATOM   264 N N7     . DG  A 1 9  ? 2.167   -7.850  -4.218  1.00 0.00 ? 9  DG  A N7     1 
ATOM   265 C C5     . DG  A 1 9  ? 1.623   -8.272  -3.001  1.00 0.00 ? 9  DG  A C5     1 
ATOM   266 C C6     . DG  A 1 9  ? 0.298   -8.673  -2.685  1.00 0.00 ? 9  DG  A C6     1 
ATOM   267 O O6     . DG  A 1 9  ? -0.677  -8.744  -3.429  1.00 0.00 ? 9  DG  A O6     1 
ATOM   268 N N1     . DG  A 1 9  ? 0.174   -9.017  -1.344  1.00 0.00 ? 9  DG  A N1     1 
ATOM   269 C C2     . DG  A 1 9  ? 1.198   -8.981  -0.417  1.00 0.00 ? 9  DG  A C2     1 
ATOM   270 N N2     . DG  A 1 9  ? 0.887   -9.350  0.826   1.00 0.00 ? 9  DG  A N2     1 
ATOM   271 N N3     . DG  A 1 9  ? 2.446   -8.605  -0.707  1.00 0.00 ? 9  DG  A N3     1 
ATOM   272 C C4     . DG  A 1 9  ? 2.590   -8.265  -2.007  1.00 0.00 ? 9  DG  A C4     1 
ATOM   273 H "H5'"  . DG  A 1 9  ? 6.925   -4.498  -3.552  1.00 0.00 ? 9  DG  A "H5'"  1 
ATOM   274 H "H5''" . DG  A 1 9  ? 8.342   -5.535  -3.805  1.00 0.00 ? 9  DG  A "H5''" 1 
ATOM   275 H "H4'"  . DG  A 1 9  ? 7.452   -5.788  -1.524  1.00 0.00 ? 9  DG  A "H4'"  1 
ATOM   276 H "H3'"  . DG  A 1 9  ? 8.037   -7.876  -3.311  1.00 0.00 ? 9  DG  A "H3'"  1 
ATOM   277 H "H2'"  . DG  A 1 9  ? 5.912   -8.673  -3.607  1.00 0.00 ? 9  DG  A "H2'"  1 
ATOM   278 H "H2''" . DG  A 1 9  ? 6.236   -9.504  -2.069  1.00 0.00 ? 9  DG  A "H2''" 1 
ATOM   279 H "H1'"  . DG  A 1 9  ? 4.955   -7.865  -0.876  1.00 0.00 ? 9  DG  A "H1'"  1 
ATOM   280 H H8     . DG  A 1 9  ? 4.116   -7.254  -4.626  1.00 0.00 ? 9  DG  A H8     1 
ATOM   281 H H1     . DG  A 1 9  ? -0.743  -9.316  -1.046  1.00 0.00 ? 9  DG  A H1     1 
ATOM   282 H H21    . DG  A 1 9  ? -0.057  -9.634  1.048   1.00 0.00 ? 9  DG  A H21    1 
ATOM   283 H H22    . DG  A 1 9  ? 1.596   -9.348  1.545   1.00 0.00 ? 9  DG  A H22    1 
ATOM   284 P P      . DC  A 1 10 ? 8.476   -9.612  -0.862  1.00 0.00 ? 10 DC  A P      1 
ATOM   285 O OP1    . DC  A 1 10 ? 9.661   -9.617  0.024   1.00 0.00 ? 10 DC  A OP1    1 
ATOM   286 O OP2    . DC  A 1 10 ? 8.487   -10.407 -2.111  1.00 0.00 ? 10 DC  A OP2    1 
ATOM   287 O "O5'"  . DC  A 1 10 ? 7.193   -10.058 0.009   1.00 0.00 ? 10 DC  A "O5'"  1 
ATOM   288 C "C5'"  . DC  A 1 10 ? 7.011   -9.574  1.347   1.00 0.00 ? 10 DC  A "C5'"  1 
ATOM   289 C "C4'"  . DC  A 1 10 ? 5.913   -10.343 2.082   1.00 0.00 ? 10 DC  A "C4'"  1 
ATOM   290 O "O4'"  . DC  A 1 10 ? 4.640   -10.200 1.403   1.00 0.00 ? 10 DC  A "O4'"  1 
ATOM   291 C "C3'"  . DC  A 1 10 ? 6.241   -11.832 2.141   1.00 0.00 ? 10 DC  A "C3'"  1 
ATOM   292 O "O3'"  . DC  A 1 10 ? 6.085   -12.348 3.475   1.00 0.00 ? 10 DC  A "O3'"  1 
ATOM   293 C "C2'"  . DC  A 1 10 ? 5.261   -12.478 1.207   1.00 0.00 ? 10 DC  A "C2'"  1 
ATOM   294 C "C1'"  . DC  A 1 10 ? 4.111   -11.505 1.089   1.00 0.00 ? 10 DC  A "C1'"  1 
ATOM   295 N N1     . DC  A 1 10 ? 3.517   -11.533 -0.257  1.00 0.00 ? 10 DC  A N1     1 
ATOM   296 C C2     . DC  A 1 10 ? 2.182   -11.890 -0.378  1.00 0.00 ? 10 DC  A C2     1 
ATOM   297 O O2     . DC  A 1 10 ? 1.527   -12.178 0.620   1.00 0.00 ? 10 DC  A O2     1 
ATOM   298 N N3     . DC  A 1 10 ? 1.630   -11.906 -1.621  1.00 0.00 ? 10 DC  A N3     1 
ATOM   299 C C4     . DC  A 1 10 ? 2.358   -11.586 -2.700  1.00 0.00 ? 10 DC  A C4     1 
ATOM   300 N N4     . DC  A 1 10 ? 1.785   -11.604 -3.904  1.00 0.00 ? 10 DC  A N4     1 
ATOM   301 C C5     . DC  A 1 10 ? 3.736   -11.220 -2.571  1.00 0.00 ? 10 DC  A C5     1 
ATOM   302 C C6     . DC  A 1 10 ? 4.264   -11.211 -1.332  1.00 0.00 ? 10 DC  A C6     1 
ATOM   303 H "H5'"  . DC  A 1 10 ? 6.741   -8.520  1.309   1.00 0.00 ? 10 DC  A "H5'"  1 
ATOM   304 H "H5''" . DC  A 1 10 ? 7.947   -9.683  1.895   1.00 0.00 ? 10 DC  A "H5''" 1 
ATOM   305 H "H4'"  . DC  A 1 10 ? 5.820   -9.956  3.096   1.00 0.00 ? 10 DC  A "H4'"  1 
ATOM   306 H "H3'"  . DC  A 1 10 ? 7.260   -12.003 1.787   1.00 0.00 ? 10 DC  A "H3'"  1 
ATOM   307 H "H2'"  . DC  A 1 10 ? 5.724   -12.642 0.234   1.00 0.00 ? 10 DC  A "H2'"  1 
ATOM   308 H "H2''" . DC  A 1 10 ? 4.916   -13.412 1.624   1.00 0.00 ? 10 DC  A "H2''" 1 
ATOM   309 H "H1'"  . DC  A 1 10 ? 3.356   -11.767 1.812   1.00 0.00 ? 10 DC  A "H1'"  1 
ATOM   310 H H41    . DC  A 1 10 ? 0.812   -11.861 -3.997  1.00 0.00 ? 10 DC  A H41    1 
ATOM   311 H H42    . DC  A 1 10 ? 2.322   -11.358 -4.723  1.00 0.00 ? 10 DC  A H42    1 
ATOM   312 H H5     . DC  A 1 10 ? 4.336   -10.961 -3.444  1.00 0.00 ? 10 DC  A H5     1 
ATOM   313 H H6     . DC  A 1 10 ? 5.300   -10.941 -1.179  1.00 0.00 ? 10 DC  A H6     1 
ATOM   314 P P      . DA  A 1 11 ? 6.114   -13.940 3.768   1.00 0.00 ? 11 DA  A P      1 
ATOM   315 O OP1    . DA  A 1 11 ? 6.311   -14.136 5.221   1.00 0.00 ? 11 DA  A OP1    1 
ATOM   316 O OP2    . DA  A 1 11 ? 7.047   -14.570 2.807   1.00 0.00 ? 11 DA  A OP2    1 
ATOM   317 O "O5'"  . DA  A 1 11 ? 4.612   -14.407 3.392   1.00 0.00 ? 11 DA  A "O5'"  1 
ATOM   318 C "C5'"  . DA  A 1 11 ? 3.502   -13.976 4.188   1.00 0.00 ? 11 DA  A "C5'"  1 
ATOM   319 C "C4'"  . DA  A 1 11 ? 2.178   -14.615 3.758   1.00 0.00 ? 11 DA  A "C4'"  1 
ATOM   320 O "O4'"  . DA  A 1 11 ? 1.872   -14.327 2.374   1.00 0.00 ? 11 DA  A "O4'"  1 
ATOM   321 C "C3'"  . DA  A 1 11 ? 2.206   -16.138 3.908   1.00 0.00 ? 11 DA  A "C3'"  1 
ATOM   322 O "O3'"  . DA  A 1 11 ? 1.385   -16.557 5.011   1.00 0.00 ? 11 DA  A "O3'"  1 
ATOM   323 C "C2'"  . DA  A 1 11 ? 1.690   -16.683 2.599   1.00 0.00 ? 11 DA  A "C2'"  1 
ATOM   324 C "C1'"  . DA  A 1 11 ? 1.265   -15.491 1.773   1.00 0.00 ? 11 DA  A "C1'"  1 
ATOM   325 N N9     . DA  A 1 11 ? 1.679   -15.654 0.360   1.00 0.00 ? 11 DA  A N9     1 
ATOM   326 C C8     . DA  A 1 11 ? 2.923   -15.766 -0.181  1.00 0.00 ? 11 DA  A C8     1 
ATOM   327 N N7     . DA  A 1 11 ? 3.007   -15.901 -1.459  1.00 0.00 ? 11 DA  A N7     1 
ATOM   328 C C5     . DA  A 1 11 ? 1.665   -15.879 -1.835  1.00 0.00 ? 11 DA  A C5     1 
ATOM   329 C C6     . DA  A 1 11 ? 1.034   -15.982 -3.077  1.00 0.00 ? 11 DA  A C6     1 
ATOM   330 N N6     . DA  A 1 11 ? 1.704   -16.120 -4.222  1.00 0.00 ? 11 DA  A N6     1 
ATOM   331 N N1     . DA  A 1 11 ? -0.309  -15.929 -3.092  1.00 0.00 ? 11 DA  A N1     1 
ATOM   332 C C2     . DA  A 1 11 ? -0.994  -15.782 -1.955  1.00 0.00 ? 11 DA  A C2     1 
ATOM   333 N N3     . DA  A 1 11 ? -0.497  -15.676 -0.727  1.00 0.00 ? 11 DA  A N3     1 
ATOM   334 C C4     . DA  A 1 11 ? 0.848   -15.732 -0.737  1.00 0.00 ? 11 DA  A C4     1 
ATOM   335 H "H5'"  . DA  A 1 11 ? 3.411   -12.894 4.102   1.00 0.00 ? 11 DA  A "H5'"  1 
ATOM   336 H "H5''" . DA  A 1 11 ? 3.694   -14.233 5.229   1.00 0.00 ? 11 DA  A "H5''" 1 
ATOM   337 H "H4'"  . DA  A 1 11 ? 1.378   -14.208 4.385   1.00 0.00 ? 11 DA  A "H4'"  1 
ATOM   338 H "H3'"  . DA  A 1 11 ? 3.228   -16.476 4.053   1.00 0.00 ? 11 DA  A "H3'"  1 
ATOM   339 H "H2'"  . DA  A 1 11 ? 2.476   -17.223 2.080   1.00 0.00 ? 11 DA  A "H2'"  1 
ATOM   340 H "H2''" . DA  A 1 11 ? 0.847   -17.339 2.774   1.00 0.00 ? 11 DA  A "H2''" 1 
ATOM   341 H "H1'"  . DA  A 1 11 ? 0.181   -15.398 1.826   1.00 0.00 ? 11 DA  A "H1'"  1 
ATOM   342 H H8     . DA  A 1 11 ? 3.816   -15.770 0.441   1.00 0.00 ? 11 DA  A H8     1 
ATOM   343 H H61    . DA  A 1 11 ? 1.203   -16.189 -5.097  1.00 0.00 ? 11 DA  A H61    1 
ATOM   344 H H62    . DA  A 1 11 ? 2.713   -16.156 -4.216  1.00 0.00 ? 11 DA  A H62    1 
ATOM   345 H H2     . DA  A 1 11 ? -2.081  -15.755 -2.042  1.00 0.00 ? 11 DA  A H2     1 
ATOM   346 P P      . DT  A 1 12 ? 0.935   -18.099 5.191   1.00 0.00 ? 12 DT  A P      1 
ATOM   347 O OP1    . DT  A 1 12 ? 0.340   -18.254 6.537   1.00 0.00 ? 12 DT  A OP1    1 
ATOM   348 O OP2    . DT  A 1 12 ? 2.061   -18.965 4.778   1.00 0.00 ? 12 DT  A OP2    1 
ATOM   349 O "O5'"  . DT  A 1 12 ? -0.242  -18.247 4.100   1.00 0.00 ? 12 DT  A "O5'"  1 
ATOM   350 C "C5'"  . DT  A 1 12 ? -1.365  -17.361 4.125   1.00 0.00 ? 12 DT  A "C5'"  1 
ATOM   351 C "C4'"  . DT  A 1 12 ? -2.332  -17.630 2.975   1.00 0.00 ? 12 DT  A "C4'"  1 
ATOM   352 O "O4'"  . DT  A 1 12 ? -1.684  -17.467 1.685   1.00 0.00 ? 12 DT  A "O4'"  1 
ATOM   353 C "C3'"  . DT  A 1 12 ? -2.885  -19.057 3.032   1.00 0.00 ? 12 DT  A "C3'"  1 
ATOM   354 O "O3'"  . DT  A 1 12 ? -4.309  -19.047 3.207   1.00 0.00 ? 12 DT  A "O3'"  1 
ATOM   355 C "C2'"  . DT  A 1 12 ? -2.509  -19.661 1.697   1.00 0.00 ? 12 DT  A "C2'"  1 
ATOM   356 C "C1'"  . DT  A 1 12 ? -2.184  -18.493 0.812   1.00 0.00 ? 12 DT  A "C1'"  1 
ATOM   357 N N1     . DT  A 1 12 ? -1.243  -18.864 -0.269  1.00 0.00 ? 12 DT  A N1     1 
ATOM   358 C C2     . DT  A 1 12 ? -1.773  -19.061 -1.533  1.00 0.00 ? 12 DT  A C2     1 
ATOM   359 O O2     . DT  A 1 12 ? -2.969  -18.902 -1.777  1.00 0.00 ? 12 DT  A O2     1 
ATOM   360 N N3     . DT  A 1 12 ? -0.878  -19.451 -2.511  1.00 0.00 ? 12 DT  A N3     1 
ATOM   361 C C4     . DT  A 1 12 ? 0.478   -19.658 -2.333  1.00 0.00 ? 12 DT  A C4     1 
ATOM   362 O O4     . DT  A 1 12 ? 1.188   -20.006 -3.271  1.00 0.00 ? 12 DT  A O4     1 
ATOM   363 C C5     . DT  A 1 12 ? 0.928   -19.427 -0.982  1.00 0.00 ? 12 DT  A C5     1 
ATOM   364 C C7     . DT  A 1 12 ? 2.379   -19.650 -0.607  1.00 0.00 ? 12 DT  A C7     1 
ATOM   365 C C6     . DT  A 1 12 ? 0.084   -19.044 -0.025  1.00 0.00 ? 12 DT  A C6     1 
ATOM   366 H "H5'"  . DT  A 1 12 ? -1.008  -16.334 4.054   1.00 0.00 ? 12 DT  A "H5'"  1 
ATOM   367 H "H5''" . DT  A 1 12 ? -1.896  -17.489 5.069   1.00 0.00 ? 12 DT  A "H5''" 1 
ATOM   368 H "H4'"  . DT  A 1 12 ? -3.163  -16.927 3.039   1.00 0.00 ? 12 DT  A "H4'"  1 
ATOM   369 H "H3'"  . DT  A 1 12 ? -2.411  -19.613 3.848   1.00 0.00 ? 12 DT  A "H3'"  1 
ATOM   370 H "H2'"  . DT  A 1 12 ? -1.643  -20.303 1.810   1.00 0.00 ? 12 DT  A "H2'"  1 
ATOM   371 H "H2''" . DT  A 1 12 ? -3.328  -20.215 1.274   1.00 0.00 ? 12 DT  A "H2''" 1 
ATOM   372 H "H1'"  . DT  A 1 12 ? -3.107  -18.148 0.367   1.00 0.00 ? 12 DT  A "H1'"  1 
ATOM   373 H H3     . DT  A 1 12 ? -1.247  -19.598 -3.439  1.00 0.00 ? 12 DT  A H3     1 
ATOM   374 H H71    . DT  A 1 12 ? 2.941   -19.949 -1.487  1.00 0.00 ? 12 DT  A H71    1 
ATOM   375 H H72    . DT  A 1 12 ? 2.436   -20.435 0.150   1.00 0.00 ? 12 DT  A H72    1 
ATOM   376 H H73    . DT  A 1 12 ? 2.790   -18.727 -0.201  1.00 0.00 ? 12 DT  A H73    1 
ATOM   377 H H6     . DT  A 1 12 ? 0.477   -18.857 0.958   1.00 0.00 ? 12 DT  A H6     1 
ATOM   378 P P      . DG  A 1 13 ? -5.092  -20.382 3.660   1.00 0.00 ? 13 DG  A P      1 
ATOM   379 O OP1    . DG  A 1 13 ? -6.236  -19.980 4.509   1.00 0.00 ? 13 DG  A OP1    1 
ATOM   380 O OP2    . DG  A 1 13 ? -4.102  -21.355 4.172   1.00 0.00 ? 13 DG  A OP2    1 
ATOM   381 O "O5'"  . DG  A 1 13 ? -5.672  -20.944 2.265   1.00 0.00 ? 13 DG  A "O5'"  1 
ATOM   382 C "C5'"  . DG  A 1 13 ? -6.936  -20.493 1.766   1.00 0.00 ? 13 DG  A "C5'"  1 
ATOM   383 C "C4'"  . DG  A 1 13 ? -7.405  -21.332 0.578   1.00 0.00 ? 13 DG  A "C4'"  1 
ATOM   384 O "O4'"  . DG  A 1 13 ? -6.478  -21.214 -0.527  1.00 0.00 ? 13 DG  A "O4'"  1 
ATOM   385 C "C3'"  . DG  A 1 13 ? -7.493  -22.806 0.956   1.00 0.00 ? 13 DG  A "C3'"  1 
ATOM   386 O "O3'"  . DG  A 1 13 ? -8.744  -23.363 0.539   1.00 0.00 ? 13 DG  A "O3'"  1 
ATOM   387 C "C2'"  . DG  A 1 13 ? -6.347  -23.458 0.234   1.00 0.00 ? 13 DG  A "C2'"  1 
ATOM   388 C "C1'"  . DG  A 1 13 ? -5.997  -22.521 -0.902  1.00 0.00 ? 13 DG  A "C1'"  1 
ATOM   389 N N9     . DG  A 1 13 ? -4.541  -22.493 -1.144  1.00 0.00 ? 13 DG  A N9     1 
ATOM   390 C C8     . DG  A 1 13 ? -3.522  -22.342 -0.262  1.00 0.00 ? 13 DG  A C8     1 
ATOM   391 N N7     . DG  A 1 13 ? -2.320  -22.333 -0.732  1.00 0.00 ? 13 DG  A N7     1 
ATOM   392 C C5     . DG  A 1 13 ? -2.548  -22.500 -2.100  1.00 0.00 ? 13 DG  A C5     1 
ATOM   393 C C6     . DG  A 1 13 ? -1.622  -22.572 -3.173  1.00 0.00 ? 13 DG  A C6     1 
ATOM   394 O O6     . DG  A 1 13 ? -0.396  -22.503 -3.128  1.00 0.00 ? 13 DG  A O6     1 
ATOM   395 N N1     . DG  A 1 13 ? -2.265  -22.744 -4.392  1.00 0.00 ? 13 DG  A N1     1 
ATOM   396 C C2     . DG  A 1 13 ? -3.631  -22.835 -4.564  1.00 0.00 ? 13 DG  A C2     1 
ATOM   397 N N2     . DG  A 1 13 ? -4.059  -22.994 -5.817  1.00 0.00 ? 13 DG  A N2     1 
ATOM   398 N N3     . DG  A 1 13 ? -4.511  -22.766 -3.560  1.00 0.00 ? 13 DG  A N3     1 
ATOM   399 C C4     . DG  A 1 13 ? -3.907  -22.597 -2.361  1.00 0.00 ? 13 DG  A C4     1 
ATOM   400 H "H5'"  . DG  A 1 13 ? -6.845  -19.453 1.451   1.00 0.00 ? 13 DG  A "H5'"  1 
ATOM   401 H "H5''" . DG  A 1 13 ? -7.678  -20.558 2.563   1.00 0.00 ? 13 DG  A "H5''" 1 
ATOM   402 H "H4'"  . DG  A 1 13 ? -8.386  -20.983 0.259   1.00 0.00 ? 13 DG  A "H4'"  1 
ATOM   403 H "H3'"  . DG  A 1 13 ? -7.367  -22.924 2.034   1.00 0.00 ? 13 DG  A "H3'"  1 
ATOM   404 H "HO3'" . DG  A 1 13 ? -9.436  -22.773 0.845   1.00 0.00 ? 13 DG  A "HO3'" 1 
ATOM   405 H "H2'"  . DG  A 1 13 ? -5.495  -23.563 0.905   1.00 0.00 ? 13 DG  A "H2'"  1 
ATOM   406 H "H2''" . DG  A 1 13 ? -6.648  -24.434 -0.158  1.00 0.00 ? 13 DG  A "H2''" 1 
ATOM   407 H "H1'"  . DG  A 1 13 ? -6.507  -22.848 -1.804  1.00 0.00 ? 13 DG  A "H1'"  1 
ATOM   408 H H8     . DG  A 1 13 ? -3.714  -22.236 0.807   1.00 0.00 ? 13 DG  A H8     1 
ATOM   409 H H1     . DG  A 1 13 ? -1.666  -22.803 -5.204  1.00 0.00 ? 13 DG  A H1     1 
ATOM   410 H H21    . DG  A 1 13 ? -5.049  -23.065 -6.007  1.00 0.00 ? 13 DG  A H21    1 
ATOM   411 H H22    . DG  A 1 13 ? -3.393  -23.047 -6.575  1.00 0.00 ? 13 DG  A H22    1 
ATOM   412 O "O5'"  . DC  B 2 1  ? 2.239   -23.342 -12.023 1.00 0.00 ? 14 DC  B "O5'"  1 
ATOM   413 C "C5'"  . DC  B 2 1  ? 1.364   -24.146 -12.819 1.00 0.00 ? 14 DC  B "C5'"  1 
ATOM   414 C "C4'"  . DC  B 2 1  ? -0.102  -23.895 -12.466 1.00 0.00 ? 14 DC  B "C4'"  1 
ATOM   415 O "O4'"  . DC  B 2 1  ? -0.345  -24.197 -11.070 1.00 0.00 ? 14 DC  B "O4'"  1 
ATOM   416 C "C3'"  . DC  B 2 1  ? -0.476  -22.434 -12.698 1.00 0.00 ? 14 DC  B "C3'"  1 
ATOM   417 O "O3'"  . DC  B 2 1  ? -1.693  -22.327 -13.447 1.00 0.00 ? 14 DC  B "O3'"  1 
ATOM   418 C "C2'"  . DC  B 2 1  ? -0.634  -21.855 -11.320 1.00 0.00 ? 14 DC  B "C2'"  1 
ATOM   419 C "C1'"  . DC  B 2 1  ? -0.893  -23.038 -10.407 1.00 0.00 ? 14 DC  B "C1'"  1 
ATOM   420 N N1     . DC  B 2 1  ? -0.261  -22.838 -9.082  1.00 0.00 ? 14 DC  B N1     1 
ATOM   421 C C2     . DC  B 2 1  ? -1.046  -23.049 -7.957  1.00 0.00 ? 14 DC  B C2     1 
ATOM   422 O O2     . DC  B 2 1  ? -2.233  -23.352 -8.076  1.00 0.00 ? 14 DC  B O2     1 
ATOM   423 N N3     . DC  B 2 1  ? -0.474  -22.902 -6.733  1.00 0.00 ? 14 DC  B N3     1 
ATOM   424 C C4     . DC  B 2 1  ? 0.814   -22.559 -6.608  1.00 0.00 ? 14 DC  B C4     1 
ATOM   425 N N4     . DC  B 2 1  ? 1.339   -22.427 -5.389  1.00 0.00 ? 14 DC  B N4     1 
ATOM   426 C C5     . DC  B 2 1  ? 1.631   -22.335 -7.761  1.00 0.00 ? 14 DC  B C5     1 
ATOM   427 C C6     . DC  B 2 1  ? 1.061   -22.481 -8.973  1.00 0.00 ? 14 DC  B C6     1 
ATOM   428 H "H5'"  . DC  B 2 1  ? 1.596   -25.197 -12.648 1.00 0.00 ? 14 DC  B "H5'"  1 
ATOM   429 H "H5''" . DC  B 2 1  ? 1.522   -23.911 -13.871 1.00 0.00 ? 14 DC  B "H5''" 1 
ATOM   430 H "H4'"  . DC  B 2 1  ? -0.735  -24.532 -13.084 1.00 0.00 ? 14 DC  B "H4'"  1 
ATOM   431 H "H3'"  . DC  B 2 1  ? 0.335   -21.924 -13.223 1.00 0.00 ? 14 DC  B "H3'"  1 
ATOM   432 H "H2'"  . DC  B 2 1  ? 0.275   -21.335 -11.033 1.00 0.00 ? 14 DC  B "H2'"  1 
ATOM   433 H "H2''" . DC  B 2 1  ? -1.464  -21.174 -11.281 1.00 0.00 ? 14 DC  B "H2''" 1 
ATOM   434 H "H1'"  . DC  B 2 1  ? -1.982  -23.172 -10.283 1.00 0.00 ? 14 DC  B "H1'"  1 
ATOM   435 H H41    . DC  B 2 1  ? 0.764   -22.584 -4.572  1.00 0.00 ? 14 DC  B H41    1 
ATOM   436 H H42    . DC  B 2 1  ? 2.310   -22.173 -5.282  1.00 0.00 ? 14 DC  B H42    1 
ATOM   437 H H5     . DC  B 2 1  ? 2.682   -22.058 -7.662  1.00 0.00 ? 14 DC  B H5     1 
ATOM   438 H H6     . DC  B 2 1  ? 1.654   -22.295 -9.872  1.00 0.00 ? 14 DC  B H6     1 
ATOM   439 H "HO5'" . DC  B 2 1  ? 2.118   -23.608 -11.109 1.00 0.00 ? 14 DC  B "HO5'" 1 
ATOM   440 P P      . DA  B 2 2  ? -2.261  -20.887 -13.896 1.00 0.00 ? 15 DA  B P      1 
ATOM   441 O OP1    . DA  B 2 2  ? -3.077  -21.072 -15.116 1.00 0.00 ? 15 DA  B OP1    1 
ATOM   442 O OP2    . DA  B 2 2  ? -1.135  -19.925 -13.901 1.00 0.00 ? 15 DA  B OP2    1 
ATOM   443 O "O5'"  . DA  B 2 2  ? -3.246  -20.499 -12.681 1.00 0.00 ? 15 DA  B "O5'"  1 
ATOM   444 C "C5'"  . DA  B 2 2  ? -4.612  -20.926 -12.688 1.00 0.00 ? 15 DA  B "C5'"  1 
ATOM   445 C "C4'"  . DA  B 2 2  ? -5.419  -20.268 -11.572 1.00 0.00 ? 15 DA  B "C4'"  1 
ATOM   446 O "O4'"  . DA  B 2 2  ? -4.855  -20.585 -10.276 1.00 0.00 ? 15 DA  B "O4'"  1 
ATOM   447 C "C3'"  . DA  B 2 2  ? -5.421  -18.750 -11.723 1.00 0.00 ? 15 DA  B "C3'"  1 
ATOM   448 O "O3'"  . DA  B 2 2  ? -6.762  -18.231 -11.734 1.00 0.00 ? 15 DA  B "O3'"  1 
ATOM   449 C "C2'"  . DA  B 2 2  ? -4.644  -18.237 -10.549 1.00 0.00 ? 15 DA  B "C2'"  1 
ATOM   450 C "C1'"  . DA  B 2 2  ? -4.586  -19.368 -9.549  1.00 0.00 ? 15 DA  B "C1'"  1 
ATOM   451 N N9     . DA  B 2 2  ? -3.255  -19.420 -8.912  1.00 0.00 ? 15 DA  B N9     1 
ATOM   452 C C8     . DA  B 2 2  ? -2.032  -19.319 -9.485  1.00 0.00 ? 15 DA  B C8     1 
ATOM   453 N N7     . DA  B 2 2  ? -1.002  -19.400 -8.716  1.00 0.00 ? 15 DA  B N7     1 
ATOM   454 C C5     . DA  B 2 2  ? -1.597  -19.575 -7.466  1.00 0.00 ? 15 DA  B C5     1 
ATOM   455 C C6     . DA  B 2 2  ? -1.067  -19.730 -6.186  1.00 0.00 ? 15 DA  B C6     1 
ATOM   456 N N6     . DA  B 2 2  ? 0.243   -19.740 -5.943  1.00 0.00 ? 15 DA  B N6     1 
ATOM   457 N N1     . DA  B 2 2  ? -1.935  -19.876 -5.169  1.00 0.00 ? 15 DA  B N1     1 
ATOM   458 C C2     . DA  B 2 2  ? -3.251  -19.872 -5.400  1.00 0.00 ? 15 DA  B C2     1 
ATOM   459 N N3     . DA  B 2 2  ? -3.862  -19.733 -6.573  1.00 0.00 ? 15 DA  B N3     1 
ATOM   460 C C4     . DA  B 2 2  ? -2.971  -19.588 -7.574  1.00 0.00 ? 15 DA  B C4     1 
ATOM   461 H "H5'"  . DA  B 2 2  ? -4.647  -22.008 -12.561 1.00 0.00 ? 15 DA  B "H5'"  1 
ATOM   462 H "H5''" . DA  B 2 2  ? -5.058  -20.666 -13.647 1.00 0.00 ? 15 DA  B "H5''" 1 
ATOM   463 H "H4'"  . DA  B 2 2  ? -6.446  -20.631 -11.611 1.00 0.00 ? 15 DA  B "H4'"  1 
ATOM   464 H "H3'"  . DA  B 2 2  ? -4.902  -18.470 -12.639 1.00 0.00 ? 15 DA  B "H3'"  1 
ATOM   465 H "H2'"  . DA  B 2 2  ? -3.633  -17.963 -10.862 1.00 0.00 ? 15 DA  B "H2'"  1 
ATOM   466 H "H2''" . DA  B 2 2  ? -5.161  -17.382 -10.114 1.00 0.00 ? 15 DA  B "H2''" 1 
ATOM   467 H "H1'"  . DA  B 2 2  ? -5.347  -19.216 -8.792  1.00 0.00 ? 15 DA  B "H1'"  1 
ATOM   468 H H8     . DA  B 2 2  ? -1.928  -19.149 -10.553 1.00 0.00 ? 15 DA  B H8     1 
ATOM   469 H H61    . DA  B 2 2  ? 0.582   -19.855 -4.998  1.00 0.00 ? 15 DA  B H61    1 
ATOM   470 H H62    . DA  B 2 2  ? 0.898   -19.634 -6.704  1.00 0.00 ? 15 DA  B H62    1 
ATOM   471 H H2     . DA  B 2 2  ? -3.896  -19.992 -4.529  1.00 0.00 ? 15 DA  B H2     1 
ATOM   472 P P      . DT  B 2 3  ? -7.070  -16.684 -11.370 1.00 0.00 ? 16 DT  B P      1 
ATOM   473 O OP1    . DT  B 2 3  ? -8.504  -16.425 -11.623 1.00 0.00 ? 16 DT  B OP1    1 
ATOM   474 O OP2    . DT  B 2 3  ? -6.040  -15.840 -12.017 1.00 0.00 ? 16 DT  B OP2    1 
ATOM   475 O "O5'"  . DT  B 2 3  ? -6.823  -16.647 -9.775  1.00 0.00 ? 16 DT  B "O5'"  1 
ATOM   476 C "C5'"  . DT  B 2 3  ? -7.561  -17.524 -8.919  1.00 0.00 ? 16 DT  B "C5'"  1 
ATOM   477 C "C4'"  . DT  B 2 3  ? -7.218  -17.335 -7.439  1.00 0.00 ? 16 DT  B "C4'"  1 
ATOM   478 O "O4'"  . DT  B 2 3  ? -5.833  -17.656 -7.152  1.00 0.00 ? 16 DT  B "O4'"  1 
ATOM   479 C "C3'"  . DT  B 2 3  ? -7.457  -15.894 -6.979  1.00 0.00 ? 16 DT  B "C3'"  1 
ATOM   480 O "O3'"  . DT  B 2 3  ? -8.376  -15.867 -5.873  1.00 0.00 ? 16 DT  B "O3'"  1 
ATOM   481 C "C2'"  . DT  B 2 3  ? -6.094  -15.399 -6.564  1.00 0.00 ? 16 DT  B "C2'"  1 
ATOM   482 C "C1'"  . DT  B 2 3  ? -5.313  -16.649 -6.262  1.00 0.00 ? 16 DT  B "C1'"  1 
ATOM   483 N N1     . DT  B 2 3  ? -3.861  -16.442 -6.431  1.00 0.00 ? 16 DT  B N1     1 
ATOM   484 C C2     . DT  B 2 3  ? -3.095  -16.365 -5.284  1.00 0.00 ? 16 DT  B C2     1 
ATOM   485 O O2     . DT  B 2 3  ? -3.584  -16.459 -4.158  1.00 0.00 ? 16 DT  B O2     1 
ATOM   486 N N3     . DT  B 2 3  ? -1.741  -16.174 -5.475  1.00 0.00 ? 16 DT  B N3     1 
ATOM   487 C C4     . DT  B 2 3  ? -1.098  -16.057 -6.696  1.00 0.00 ? 16 DT  B C4     1 
ATOM   488 O O4     . DT  B 2 3  ? 0.119   -15.897 -6.749  1.00 0.00 ? 16 DT  B O4     1 
ATOM   489 C C5     . DT  B 2 3  ? -1.987  -16.150 -7.834  1.00 0.00 ? 16 DT  B C5     1 
ATOM   490 C C7     . DT  B 2 3  ? -1.443  -16.031 -9.252  1.00 0.00 ? 16 DT  B C7     1 
ATOM   491 C C6     . DT  B 2 3  ? -3.301  -16.335 -7.669  1.00 0.00 ? 16 DT  B C6     1 
ATOM   492 H "H5'"  . DT  B 2 3  ? -7.345  -18.554 -9.201  1.00 0.00 ? 16 DT  B "H5'"  1 
ATOM   493 H "H5''" . DT  B 2 3  ? -8.625  -17.337 -9.059  1.00 0.00 ? 16 DT  B "H5''" 1 
ATOM   494 H "H4'"  . DT  B 2 3  ? -7.853  -17.997 -6.852  1.00 0.00 ? 16 DT  B "H4'"  1 
ATOM   495 H "H3'"  . DT  B 2 3  ? -7.837  -15.294 -7.808  1.00 0.00 ? 16 DT  B "H3'"  1 
ATOM   496 H "H2'"  . DT  B 2 3  ? -5.624  -14.860 -7.384  1.00 0.00 ? 16 DT  B "H2'"  1 
ATOM   497 H "H2''" . DT  B 2 3  ? -6.163  -14.766 -5.682  1.00 0.00 ? 16 DT  B "H2''" 1 
ATOM   498 H "H1'"  . DT  B 2 3  ? -5.516  -16.945 -5.236  1.00 0.00 ? 16 DT  B "H1'"  1 
ATOM   499 H H3     . DT  B 2 3  ? -1.167  -16.109 -4.646  1.00 0.00 ? 16 DT  B H3     1 
ATOM   500 H H71    . DT  B 2 3  ? -0.355  -16.033 -9.228  1.00 0.00 ? 16 DT  B H71    1 
ATOM   501 H H72    . DT  B 2 3  ? -1.798  -15.102 -9.699  1.00 0.00 ? 16 DT  B H72    1 
ATOM   502 H H73    . DT  B 2 3  ? -1.797  -16.874 -9.846  1.00 0.00 ? 16 DT  B H73    1 
ATOM   503 H H6     . DT  B 2 3  ? -3.929  -16.399 -8.543  1.00 0.00 ? 16 DT  B H6     1 
ATOM   504 P P      . DG  B 2 4  ? -8.803  -14.483 -5.155  1.00 0.00 ? 17 DG  B P      1 
ATOM   505 O OP1    . DG  B 2 4  ? -10.275 -14.481 -5.007  1.00 0.00 ? 17 DG  B OP1    1 
ATOM   506 O OP2    . DG  B 2 4  ? -8.134  -13.362 -5.854  1.00 0.00 ? 17 DG  B OP2    1 
ATOM   507 O "O5'"  . DG  B 2 4  ? -8.151  -14.621 -3.685  1.00 0.00 ? 17 DG  B "O5'"  1 
ATOM   508 C "C5'"  . DG  B 2 4  ? -8.727  -15.500 -2.711  1.00 0.00 ? 17 DG  B "C5'"  1 
ATOM   509 C "C4'"  . DG  B 2 4  ? -8.040  -15.380 -1.348  1.00 0.00 ? 17 DG  B "C4'"  1 
ATOM   510 O "O4'"  . DG  B 2 4  ? -6.606  -15.467 -1.501  1.00 0.00 ? 17 DG  B "O4'"  1 
ATOM   511 C "C3'"  . DG  B 2 4  ? -8.345  -14.037 -0.693  1.00 0.00 ? 17 DG  B "C3'"  1 
ATOM   512 O "O3'"  . DG  B 2 4  ? -8.597  -14.206 0.715   1.00 0.00 ? 17 DG  B "O3'"  1 
ATOM   513 C "C2'"  . DG  B 2 4  ? -7.112  -13.219 -0.931  1.00 0.00 ? 17 DG  B "C2'"  1 
ATOM   514 C "C1'"  . DG  B 2 4  ? -6.000  -14.229 -1.075  1.00 0.00 ? 17 DG  B "C1'"  1 
ATOM   515 N N9     . DG  B 2 4  ? -4.996  -13.778 -2.049  1.00 0.00 ? 17 DG  B N9     1 
ATOM   516 C C8     . DG  B 2 4  ? -5.099  -13.651 -3.391  1.00 0.00 ? 17 DG  B C8     1 
ATOM   517 N N7     . DG  B 2 4  ? -4.052  -13.246 -4.034  1.00 0.00 ? 17 DG  B N7     1 
ATOM   518 C C5     . DG  B 2 4  ? -3.129  -13.079 -2.997  1.00 0.00 ? 17 DG  B C5     1 
ATOM   519 C C6     . DG  B 2 4  ? -1.774  -12.648 -3.038  1.00 0.00 ? 17 DG  B C6     1 
ATOM   520 O O6     . DG  B 2 4  ? -1.103  -12.324 -4.017  1.00 0.00 ? 17 DG  B O6     1 
ATOM   521 N N1     . DG  B 2 4  ? -1.210  -12.620 -1.767  1.00 0.00 ? 17 DG  B N1     1 
ATOM   522 C C2     . DG  B 2 4  ? -1.865  -12.962 -0.600  1.00 0.00 ? 17 DG  B C2     1 
ATOM   523 N N2     . DG  B 2 4  ? -1.164  -12.867 0.528   1.00 0.00 ? 17 DG  B N2     1 
ATOM   524 N N3     . DG  B 2 4  ? -3.134  -13.367 -0.556  1.00 0.00 ? 17 DG  B N3     1 
ATOM   525 C C4     . DG  B 2 4  ? -3.704  -13.403 -1.778  1.00 0.00 ? 17 DG  B C4     1 
ATOM   526 H "H5'"  . DG  B 2 4  ? -8.636  -16.527 -3.064  1.00 0.00 ? 17 DG  B "H5'"  1 
ATOM   527 H "H5''" . DG  B 2 4  ? -9.779  -15.256 -2.600  1.00 0.00 ? 17 DG  B "H5''" 1 
ATOM   528 H "H4'"  . DG  B 2 4  ? -8.381  -16.185 -0.700  1.00 0.00 ? 17 DG  B "H4'"  1 
ATOM   529 H "H3'"  . DG  B 2 4  ? -9.196  -13.570 -1.177  1.00 0.00 ? 17 DG  B "H3'"  1 
ATOM   530 H "H2'"  . DG  B 2 4  ? -7.220  -12.641 -1.849  1.00 0.00 ? 17 DG  B "H2'"  1 
ATOM   531 H "H2''" . DG  B 2 4  ? -6.920  -12.559 -0.089  1.00 0.00 ? 17 DG  B "H2''" 1 
ATOM   532 H "H1'"  . DG  B 2 4  ? -5.532  -14.369 -0.110  1.00 0.00 ? 17 DG  B "H1'"  1 
ATOM   533 H H8     . DG  B 2 4  ? -6.034  -13.882 -3.907  1.00 0.00 ? 17 DG  B H8     1 
ATOM   534 H H1     . DG  B 2 4  ? -0.245  -12.323 -1.717  1.00 0.00 ? 17 DG  B H1     1 
ATOM   535 H H21    . DG  B 2 4  ? -1.596  -13.101 1.411   1.00 0.00 ? 17 DG  B H21    1 
ATOM   536 H H22    . DG  B 2 4  ? -0.200  -12.564 0.501   1.00 0.00 ? 17 DG  B H22    1 
ATOM   537 P P      . DC  B 2 5  ? -8.747  -12.938 1.704   1.00 0.00 ? 18 DC  B P      1 
ATOM   538 O OP1    . DC  B 2 5  ? -9.489  -13.378 2.907   1.00 0.00 ? 18 DC  B OP1    1 
ATOM   539 O OP2    . DC  B 2 5  ? -9.244  -11.789 0.914   1.00 0.00 ? 18 DC  B OP2    1 
ATOM   540 O "O5'"  . DC  B 2 5  ? -7.222  -12.630 2.137   1.00 0.00 ? 18 DC  B "O5'"  1 
ATOM   541 C "C5'"  . DC  B 2 5  ? -6.609  -13.341 3.222   1.00 0.00 ? 18 DC  B "C5'"  1 
ATOM   542 C "C4'"  . DC  B 2 5  ? -5.412  -12.582 3.803   1.00 0.00 ? 18 DC  B "C4'"  1 
ATOM   543 O "O4'"  . DC  B 2 5  ? -4.385  -12.380 2.796   1.00 0.00 ? 18 DC  B "O4'"  1 
ATOM   544 C "C3'"  . DC  B 2 5  ? -5.827  -11.206 4.314   1.00 0.00 ? 18 DC  B "C3'"  1 
ATOM   545 O "O3'"  . DC  B 2 5  ? -5.198  -10.932 5.586   1.00 0.00 ? 18 DC  B "O3'"  1 
ATOM   546 C "C2'"  . DC  B 2 5  ? -5.345  -10.265 3.250   1.00 0.00 ? 18 DC  B "C2'"  1 
ATOM   547 C "C1'"  . DC  B 2 5  ? -4.142  -10.965 2.638   1.00 0.00 ? 18 DC  B "C1'"  1 
ATOM   548 N N1     . DC  B 2 5  ? -3.964  -10.611 1.215   1.00 0.00 ? 18 DC  B N1     1 
ATOM   549 C C2     . DC  B 2 5  ? -2.706  -10.188 0.806   1.00 0.00 ? 18 DC  B C2     1 
ATOM   550 O O2     . DC  B 2 5  ? -1.790  -10.081 1.618   1.00 0.00 ? 18 DC  B O2     1 
ATOM   551 N N3     . DC  B 2 5  ? -2.522  -9.896  -0.512  1.00 0.00 ? 18 DC  B N3     1 
ATOM   552 C C4     . DC  B 2 5  ? -3.526  -10.017 -1.391  1.00 0.00 ? 18 DC  B C4     1 
ATOM   553 N N4     . DC  B 2 5  ? -3.310  -9.721  -2.673  1.00 0.00 ? 18 DC  B N4     1 
ATOM   554 C C5     . DC  B 2 5  ? -4.822  -10.452 -0.969  1.00 0.00 ? 18 DC  B C5     1 
ATOM   555 C C6     . DC  B 2 5  ? -4.994  -10.731 0.335   1.00 0.00 ? 18 DC  B C6     1 
ATOM   556 H "H5'"  . DC  B 2 5  ? -6.273  -14.314 2.864   1.00 0.00 ? 18 DC  B "H5'"  1 
ATOM   557 H "H5''" . DC  B 2 5  ? -7.350  -13.490 4.009   1.00 0.00 ? 18 DC  B "H5''" 1 
ATOM   558 H "H4'"  . DC  B 2 5  ? -4.990  -13.157 4.625   1.00 0.00 ? 18 DC  B "H4'"  1 
ATOM   559 H "H3'"  . DC  B 2 5  ? -6.914  -11.149 4.404   1.00 0.00 ? 18 DC  B "H3'"  1 
ATOM   560 H "H2'"  . DC  B 2 5  ? -6.129  -10.123 2.500   1.00 0.00 ? 18 DC  B "H2'"  1 
ATOM   561 H "H2''" . DC  B 2 5  ? -5.065  -9.315  3.679   1.00 0.00 ? 18 DC  B "H2''" 1 
ATOM   562 H "H1'"  . DC  B 2 5  ? -3.239  -10.694 3.196   1.00 0.00 ? 18 DC  B "H1'"  1 
ATOM   563 H H41    . DC  B 2 5  ? -4.061  -9.807  -3.344  1.00 0.00 ? 18 DC  B H41    1 
ATOM   564 H H42    . DC  B 2 5  ? -2.396  -9.414  -2.976  1.00 0.00 ? 18 DC  B H42    1 
ATOM   565 H H5     . DC  B 2 5  ? -5.637  -10.575 -1.681  1.00 0.00 ? 18 DC  B H5     1 
ATOM   566 H H6     . DC  B 2 5  ? -5.972  -11.035 0.698   1.00 0.00 ? 18 DC  B H6     1 
ATOM   567 P P      . DC  B 2 6  ? -4.946  -9.423  6.122   1.00 0.00 ? 19 DC  B P      1 
ATOM   568 O OP1    . DC  B 2 6  ? -4.865  -9.468  7.599   1.00 0.00 ? 19 DC  B OP1    1 
ATOM   569 O OP2    . DC  B 2 6  ? -5.925  -8.526  5.469   1.00 0.00 ? 19 DC  B OP2    1 
ATOM   570 O "O5'"  . DC  B 2 6  ? -3.475  -9.065  5.547   1.00 0.00 ? 19 DC  B "O5'"  1 
ATOM   571 C "C5'"  . DC  B 2 6  ? -2.295  -9.632  6.138   1.00 0.00 ? 19 DC  B "C5'"  1 
ATOM   572 C "C4'"  . DC  B 2 6  ? -1.035  -8.804  5.846   1.00 0.00 ? 19 DC  B "C4'"  1 
ATOM   573 O "O4'"  . DC  B 2 6  ? -0.759  -8.760  4.422   1.00 0.00 ? 19 DC  B "O4'"  1 
ATOM   574 C "C3'"  . DC  B 2 6  ? -1.181  -7.361  6.334   1.00 0.00 ? 19 DC  B "C3'"  1 
ATOM   575 O "O3'"  . DC  B 2 6  ? -0.063  -6.980  7.157   1.00 0.00 ? 19 DC  B "O3'"  1 
ATOM   576 C "C2'"  . DC  B 2 6  ? -1.219  -6.534  5.082   1.00 0.00 ? 19 DC  B "C2'"  1 
ATOM   577 C "C1'"  . DC  B 2 6  ? -0.591  -7.387  4.006   1.00 0.00 ? 19 DC  B "C1'"  1 
ATOM   578 N N1     . DC  B 2 6  ? -1.256  -7.126  2.727   1.00 0.00 ? 19 DC  B N1     1 
ATOM   579 C C2     . DC  B 2 6  ? -0.488  -6.748  1.636   1.00 0.00 ? 19 DC  B C2     1 
ATOM   580 O O2     . DC  B 2 6  ? 0.736   -6.680  1.725   1.00 0.00 ? 19 DC  B O2     1 
ATOM   581 N N3     . DC  B 2 6  ? -1.134  -6.451  0.474   1.00 0.00 ? 19 DC  B N3     1 
ATOM   582 C C4     . DC  B 2 6  ? -2.469  -6.522  0.400   1.00 0.00 ? 19 DC  B C4     1 
ATOM   583 N N4     . DC  B 2 6  ? -3.079  -6.227  -0.750  1.00 0.00 ? 19 DC  B N4     1 
ATOM   584 C C5     . DC  B 2 6  ? -3.244  -6.914  1.536   1.00 0.00 ? 19 DC  B C5     1 
ATOM   585 C C6     . DC  B 2 6  ? -2.600  -7.204  2.656   1.00 0.00 ? 19 DC  B C6     1 
ATOM   586 H "H5'"  . DC  B 2 6  ? -2.152  -10.638 5.743   1.00 0.00 ? 19 DC  B "H5'"  1 
ATOM   587 H "H5''" . DC  B 2 6  ? -2.434  -9.694  7.218   1.00 0.00 ? 19 DC  B "H5''" 1 
ATOM   588 H "H4'"  . DC  B 2 6  ? -0.187  -9.263  6.352   1.00 0.00 ? 19 DC  B "H4'"  1 
ATOM   589 H "H3'"  . DC  B 2 6  ? -2.116  -7.247  6.886   1.00 0.00 ? 19 DC  B "H3'"  1 
ATOM   590 H "H2'"  . DC  B 2 6  ? -2.260  -6.293  4.817   1.00 0.00 ? 19 DC  B "H2'"  1 
ATOM   591 H "H2''" . DC  B 2 6  ? -0.649  -5.629  5.207   1.00 0.00 ? 19 DC  B "H2''" 1 
ATOM   592 H "H1'"  . DC  B 2 6  ? 0.470   -7.153  3.925   1.00 0.00 ? 19 DC  B "H1'"  1 
ATOM   593 H H41    . DC  B 2 6  ? -4.084  -6.281  -0.817  1.00 0.00 ? 19 DC  B H41    1 
ATOM   594 H H42    . DC  B 2 6  ? -2.533  -5.941  -1.552  1.00 0.00 ? 19 DC  B H42    1 
ATOM   595 H H5     . DC  B 2 6  ? -4.320  -6.949  1.512   1.00 0.00 ? 19 DC  B H5     1 
ATOM   596 H H6     . DC  B 2 6  ? -3.163  -7.507  3.529   1.00 0.00 ? 19 DC  B H6     1 
ATOM   597 P P      . DG  B 2 7  ? 0.034   -5.505  7.818   1.00 0.00 ? 20 DG  B P      1 
ATOM   598 O OP1    . DG  B 2 7  ? 0.775   -5.625  9.094   1.00 0.00 ? 20 DG  B OP1    1 
ATOM   599 O OP2    . DG  B 2 7  ? -1.319  -4.907  7.812   1.00 0.00 ? 20 DG  B OP2    1 
ATOM   600 O "O5'"  . DG  B 2 7  ? 0.956   -4.678  6.773   1.00 0.00 ? 20 DG  B "O5'"  1 
ATOM   601 C "C5'"  . DG  B 2 7  ? 2.329   -5.037  6.564   1.00 0.00 ? 20 DG  B "C5'"  1 
ATOM   602 C "C4'"  . DG  B 2 7  ? 3.079   -4.032  5.689   1.00 0.00 ? 20 DG  B "C4'"  1 
ATOM   603 O "O4'"  . DG  B 2 7  ? 2.600   -4.082  4.324   1.00 0.00 ? 20 DG  B "O4'"  1 
ATOM   604 C "C3'"  . DG  B 2 7  ? 2.900   -2.616  6.208   1.00 0.00 ? 20 DG  B "C3'"  1 
ATOM   605 O "O3'"  . DG  B 2 7  ? 4.167   -1.983  6.468   1.00 0.00 ? 20 DG  B "O3'"  1 
ATOM   606 C "C2'"  . DG  B 2 7  ? 2.151   -1.891  5.129   1.00 0.00 ? 20 DG  B "C2'"  1 
ATOM   607 C "C1'"  . DG  B 2 7  ? 2.334   -2.746  3.862   1.00 0.00 ? 20 DG  B "C1'"  1 
ATOM   608 N N9     . DG  B 2 7  ? 1.113   -2.713  3.043   1.00 0.00 ? 20 DG  B N9     1 
ATOM   609 C C8     . DG  B 2 7  ? -0.179  -2.827  3.426   1.00 0.00 ? 20 DG  B C8     1 
ATOM   610 N N7     . DG  B 2 7  ? -1.082  -2.769  2.511   1.00 0.00 ? 20 DG  B N7     1 
ATOM   611 C C5     . DG  B 2 7  ? -0.307  -2.584  1.364   1.00 0.00 ? 20 DG  B C5     1 
ATOM   612 C C6     . DG  B 2 7  ? -0.710  -2.438  0.020   1.00 0.00 ? 20 DG  B C6     1 
ATOM   613 O O6     . DG  B 2 7  ? -1.853  -2.492  -0.429  1.00 0.00 ? 20 DG  B O6     1 
ATOM   614 N N1     . DG  B 2 7  ? 0.387   -2.260  -0.830  1.00 0.00 ? 20 DG  B N1     1 
ATOM   615 C C2     . DG  B 2 7  ? 1.702   -2.237  -0.432  1.00 0.00 ? 20 DG  B C2     1 
ATOM   616 N N2     . DG  B 2 7  ? 2.602   -2.058  -1.399  1.00 0.00 ? 20 DG  B N2     1 
ATOM   617 N N3     . DG  B 2 7  ? 2.089   -2.382  0.839   1.00 0.00 ? 20 DG  B N3     1 
ATOM   618 C C4     . DG  B 2 7  ? 1.037   -2.549  1.680   1.00 0.00 ? 20 DG  B C4     1 
ATOM   619 H "H5'"  . DG  B 2 7  ? 2.355   -5.984  6.071   1.00 0.00 ? 20 DG  B "H5'"  1 
ATOM   620 H "H5''" . DG  B 2 7  ? 2.833   -5.126  7.528   1.00 0.00 ? 20 DG  B "H5''" 1 
ATOM   621 H "H4'"  . DG  B 2 7  ? 4.141   -4.278  5.699   1.00 0.00 ? 20 DG  B "H4'"  1 
ATOM   622 H "H3'"  . DG  B 2 7  ? 2.296   -2.655  7.109   1.00 0.00 ? 20 DG  B "H3'"  1 
ATOM   623 H "H2'"  . DG  B 2 7  ? 1.094   -1.852  5.389   1.00 0.00 ? 20 DG  B "H2'"  1 
ATOM   624 H "H2''" . DG  B 2 7  ? 2.538   -0.867  5.016   1.00 0.00 ? 20 DG  B "H2''" 1 
ATOM   625 H "H1'"  . DG  B 2 7  ? 3.190   -2.410  3.256   1.00 0.00 ? 20 DG  B "H1'"  1 
ATOM   626 H H8     . DG  B 2 7  ? -0.445  -2.926  4.476   1.00 0.00 ? 20 DG  B H8     1 
ATOM   627 H H1     . DG  B 2 7  ? 0.173   -2.132  -1.809  1.00 0.00 ? 20 DG  B H1     1 
ATOM   628 H H21    . DG  B 2 7  ? 2.301   -1.951  -2.356  1.00 0.00 ? 20 DG  B H21    1 
ATOM   629 H H22    . DG  B 2 7  ? 3.586   -2.029  -1.174  1.00 0.00 ? 20 DG  B H22    1 
ATOM   630 P P      . DC  B 2 8  ? 4.279   -0.651  7.379   1.00 0.00 ? 21 DC  B P      1 
ATOM   631 O OP1    . DC  B 2 8  ? 5.601   -0.671  8.045   1.00 0.00 ? 21 DC  B OP1    1 
ATOM   632 O OP2    . DC  B 2 8  ? 3.051   -0.546  8.199   1.00 0.00 ? 21 DC  B OP2    1 
ATOM   633 O "O5'"  . DC  B 2 8  ? 4.271   0.562   6.306   1.00 0.00 ? 21 DC  B "O5'"  1 
ATOM   634 C "C5'"  . DC  B 2 8  ? 5.401   0.804   5.453   1.00 0.00 ? 21 DC  B "C5'"  1 
ATOM   635 C "C4'"  . DC  B 2 8  ? 5.620   2.299   5.148   1.00 0.00 ? 21 DC  B "C4'"  1 
ATOM   636 O "O4'"  . DC  B 2 8  ? 4.501   2.906   4.437   1.00 0.00 ? 21 DC  B "O4'"  1 
ATOM   637 C "C3'"  . DC  B 2 8  ? 5.845   3.120   6.421   1.00 0.00 ? 21 DC  B "C3'"  1 
ATOM   638 O "O3'"  . DC  B 2 8  ? 7.180   3.684   6.420   1.00 0.00 ? 21 DC  B "O3'"  1 
ATOM   639 C "C2'"  . DC  B 2 8  ? 4.751   4.167   6.395   1.00 0.00 ? 21 DC  B "C2'"  1 
ATOM   640 C "C1'"  . DC  B 2 8  ? 4.311   4.241   4.946   1.00 0.00 ? 21 DC  B "C1'"  1 
ATOM   641 N N1     . DC  B 2 8  ? 2.909   4.748   4.786   1.00 0.00 ? 21 DC  B N1     1 
ATOM   642 C C2     . DC  B 2 8  ? 2.421   4.927   3.486   1.00 0.00 ? 21 DC  B C2     1 
ATOM   643 O O2     . DC  B 2 8  ? 3.100   4.624   2.511   1.00 0.00 ? 21 DC  B O2     1 
ATOM   644 N N3     . DC  B 2 8  ? 1.184   5.467   3.327   1.00 0.00 ? 21 DC  B N3     1 
ATOM   645 C C4     . DC  B 2 8  ? 0.442   5.819   4.373   1.00 0.00 ? 21 DC  B C4     1 
ATOM   646 N N4     . DC  B 2 8  ? -0.750  6.369   4.161   1.00 0.00 ? 21 DC  B N4     1 
ATOM   647 C C5     . DC  B 2 8  ? 0.918   5.638   5.706   1.00 0.00 ? 21 DC  B C5     1 
ATOM   648 C C6     . DC  B 2 8  ? 2.145   5.102   5.869   1.00 0.00 ? 21 DC  B C6     1 
ATOM   649 H "H5'"  . DC  B 2 8  ? 5.249   0.273   4.514   1.00 0.00 ? 21 DC  B "H5'"  1 
ATOM   650 H "H5''" . DC  B 2 8  ? 6.297   0.410   5.934   1.00 0.00 ? 21 DC  B "H5''" 1 
ATOM   651 H "H4'"  . DC  B 2 8  ? 6.510   2.390   4.525   1.00 0.00 ? 21 DC  B "H4'"  1 
ATOM   652 H "H3'"  . DC  B 2 8  ? 5.710   2.478   7.295   1.00 0.00 ? 21 DC  B "H3'"  1 
ATOM   653 H "H2'"  . DC  B 2 8  ? 3.924   3.837   7.021   1.00 0.00 ? 21 DC  B "H2'"  1 
ATOM   654 H "H2''" . DC  B 2 8  ? 5.117   5.133   6.734   1.00 0.00 ? 21 DC  B "H2''" 1 
ATOM   655 H "H1'"  . DC  B 2 8  ? 4.990   4.911   4.414   1.00 0.00 ? 21 DC  B "H1'"  1 
ATOM   656 H H41    . DC  B 2 8  ? -1.318  6.659   4.941   1.00 0.00 ? 21 DC  B H41    1 
ATOM   657 H H42    . DC  B 2 8  ? -1.083  6.496   3.216   1.00 0.00 ? 21 DC  B H42    1 
ATOM   658 H H5     . DC  B 2 8  ? 0.313   5.928   6.564   1.00 0.00 ? 21 DC  B H5     1 
ATOM   659 H H6     . DC  B 2 8  ? 2.532   4.963   6.874   1.00 0.00 ? 21 DC  B H6     1 
ATOM   660 P P      . DG  B 2 9  ? 7.501   5.242   6.734   1.00 0.00 ? 22 DG  B P      1 
ATOM   661 O OP1    . DG  B 2 9  ? 8.934   5.351   7.086   1.00 0.00 ? 22 DG  B OP1    1 
ATOM   662 O OP2    . DG  B 2 9  ? 6.477   5.761   7.670   1.00 0.00 ? 22 DG  B OP2    1 
ATOM   663 O "O5'"  . DG  B 2 9  ? 7.282   5.950   5.302   1.00 0.00 ? 22 DG  B "O5'"  1 
ATOM   664 C "C5'"  . DG  B 2 9  ? 7.912   5.421   4.130   1.00 0.00 ? 22 DG  B "C5'"  1 
ATOM   665 C "C4'"  . DG  B 2 9  ? 7.405   6.100   2.858   1.00 0.00 ? 22 DG  B "C4'"  1 
ATOM   666 O "O4'"  . DG  B 2 9  ? 5.961   6.138   2.844   1.00 0.00 ? 22 DG  B "O4'"  1 
ATOM   667 C "C3'"  . DG  B 2 9  ? 7.910   7.538   2.746   1.00 0.00 ? 22 DG  B "C3'"  1 
ATOM   668 O "O3'"  . DG  B 2 9  ? 8.561   7.744   1.481   1.00 0.00 ? 22 DG  B "O3'"  1 
ATOM   669 C "C2'"  . DG  B 2 9  ? 6.677   8.389   2.870   1.00 0.00 ? 22 DG  B "C2'"  1 
ATOM   670 C "C1'"  . DG  B 2 9  ? 5.527   7.471   2.530   1.00 0.00 ? 22 DG  B "C1'"  1 
ATOM   671 N N9     . DG  B 2 9  ? 4.314   7.834   3.283   1.00 0.00 ? 22 DG  B N9     1 
ATOM   672 C C8     . DG  B 2 9  ? 4.068   7.761   4.615   1.00 0.00 ? 22 DG  B C8     1 
ATOM   673 N N7     . DG  B 2 9  ? 2.908   8.145   5.029   1.00 0.00 ? 22 DG  B N7     1 
ATOM   674 C C5     . DG  B 2 9  ? 2.289   8.525   3.834   1.00 0.00 ? 22 DG  B C5     1 
ATOM   675 C C6     . DG  B 2 9  ? 0.986   9.040   3.607   1.00 0.00 ? 22 DG  B C6     1 
ATOM   676 O O6     . DG  B 2 9  ? 0.106   9.277   4.432   1.00 0.00 ? 22 DG  B O6     1 
ATOM   677 N N1     . DG  B 2 9  ? 0.762   9.286   2.259   1.00 0.00 ? 22 DG  B N1     1 
ATOM   678 C C2     . DG  B 2 9  ? 1.678   9.070   1.248   1.00 0.00 ? 22 DG  B C2     1 
ATOM   679 N N2     . DG  B 2 9  ? 1.279   9.375   0.013   1.00 0.00 ? 22 DG  B N2     1 
ATOM   680 N N3     . DG  B 2 9  ? 2.906   8.587   1.453   1.00 0.00 ? 22 DG  B N3     1 
ATOM   681 C C4     . DG  B 2 9  ? 3.146   8.336   2.760   1.00 0.00 ? 22 DG  B C4     1 
ATOM   682 H "H5'"  . DG  B 2 9  ? 7.701   4.354   4.068   1.00 0.00 ? 22 DG  B "H5'"  1 
ATOM   683 H "H5''" . DG  B 2 9  ? 8.990   5.566   4.206   1.00 0.00 ? 22 DG  B "H5''" 1 
ATOM   684 H "H4'"  . DG  B 2 9  ? 7.745   5.539   1.992   1.00 0.00 ? 22 DG  B "H4'"  1 
ATOM   685 H "H3'"  . DG  B 2 9  ? 8.597   7.758   3.566   1.00 0.00 ? 22 DG  B "H3'"  1 
ATOM   686 H "H2'"  . DG  B 2 9  ? 6.577   8.753   3.892   1.00 0.00 ? 22 DG  B "H2'"  1 
ATOM   687 H "H2''" . DG  B 2 9  ? 6.714   9.224   2.174   1.00 0.00 ? 22 DG  B "H2''" 1 
ATOM   688 H "H1'"  . DG  B 2 9  ? 5.325   7.533   1.462   1.00 0.00 ? 22 DG  B "H1'"  1 
ATOM   689 H H8     . DG  B 2 9  ? 4.820   7.383   5.309   1.00 0.00 ? 22 DG  B H8     1 
ATOM   690 H H1     . DG  B 2 9  ? -0.151  9.646   2.019   1.00 0.00 ? 22 DG  B H1     1 
ATOM   691 H H21    . DG  B 2 9  ? 0.349   9.739   -0.141  1.00 0.00 ? 22 DG  B H21    1 
ATOM   692 H H22    . DG  B 2 9  ? 1.907   9.246   -0.766  1.00 0.00 ? 22 DG  B H22    1 
ATOM   693 P P      . DC  B 2 10 ? 9.015   9.215   0.991   1.00 0.00 ? 23 DC  B P      1 
ATOM   694 O OP1    . DC  B 2 10 ? 10.145  9.056   0.049   1.00 0.00 ? 23 DC  B OP1    1 
ATOM   695 O OP2    . DC  B 2 10 ? 9.170   10.076  2.186   1.00 0.00 ? 23 DC  B OP2    1 
ATOM   696 O "O5'"  . DC  B 2 10 ? 7.730   9.732   0.160   1.00 0.00 ? 23 DC  B "O5'"  1 
ATOM   697 C "C5'"  . DC  B 2 10 ? 7.418   9.174   -1.123  1.00 0.00 ? 23 DC  B "C5'"  1 
ATOM   698 C "C4'"  . DC  B 2 10 ? 6.309   9.953   -1.835  1.00 0.00 ? 23 DC  B "C4'"  1 
ATOM   699 O "O4'"  . DC  B 2 10 ? 5.101   9.976   -1.035  1.00 0.00 ? 23 DC  B "O4'"  1 
ATOM   700 C "C3'"  . DC  B 2 10 ? 6.724   11.402  -2.090  1.00 0.00 ? 23 DC  B "C3'"  1 
ATOM   701 O "O3'"  . DC  B 2 10 ? 6.523   11.761  -3.465  1.00 0.00 ? 23 DC  B "O3'"  1 
ATOM   702 C "C2'"  . DC  B 2 10 ? 5.841   12.222  -1.193  1.00 0.00 ? 23 DC  B "C2'"  1 
ATOM   703 C "C1'"  . DC  B 2 10 ? 4.658   11.338  -0.871  1.00 0.00 ? 23 DC  B "C1'"  1 
ATOM   704 N N1     . DC  B 2 10 ? 4.170   11.581  0.497   1.00 0.00 ? 23 DC  B N1     1 
ATOM   705 C C2     . DC  B 2 10 ? 2.889   12.089  0.644   1.00 0.00 ? 23 DC  B C2     1 
ATOM   706 O O2     . DC  B 2 10 ? 2.204   12.336  -0.346  1.00 0.00 ? 23 DC  B O2     1 
ATOM   707 N N3     . DC  B 2 10 ? 2.423   12.307  1.905   1.00 0.00 ? 23 DC  B N3     1 
ATOM   708 C C4     . DC  B 2 10 ? 3.184   12.038  2.973   1.00 0.00 ? 23 DC  B C4     1 
ATOM   709 N N4     . DC  B 2 10 ? 2.694   12.250  4.195   1.00 0.00 ? 23 DC  B N4     1 
ATOM   710 C C5     . DC  B 2 10 ? 4.508   11.516  2.822   1.00 0.00 ? 23 DC  B C5     1 
ATOM   711 C C6     . DC  B 2 10 ? 4.955   11.304  1.571   1.00 0.00 ? 23 DC  B C6     1 
ATOM   712 H "H5'"  . DC  B 2 10 ? 7.095   8.142   -0.990  1.00 0.00 ? 23 DC  B "H5'"  1 
ATOM   713 H "H5''" . DC  B 2 10 ? 8.314   9.187   -1.745  1.00 0.00 ? 23 DC  B "H5''" 1 
ATOM   714 H "H4'"  . DC  B 2 10 ? 6.092   9.473   -2.787  1.00 0.00 ? 23 DC  B "H4'"  1 
ATOM   715 H "H3'"  . DC  B 2 10 ? 7.771   11.544  -1.811  1.00 0.00 ? 23 DC  B "H3'"  1 
ATOM   716 H "H2'"  . DC  B 2 10 ? 6.378   12.484  -0.282  1.00 0.00 ? 23 DC  B "H2'"  1 
ATOM   717 H "H2''" . DC  B 2 10 ? 5.511   13.121  -1.707  1.00 0.00 ? 23 DC  B "H2''" 1 
ATOM   718 H "H1'"  . DC  B 2 10 ? 3.859   11.540  -1.578  1.00 0.00 ? 23 DC  B "H1'"  1 
ATOM   719 H H41    . DC  B 2 10 ? 1.760   12.618  4.308   1.00 0.00 ? 23 DC  B H41    1 
ATOM   720 H H42    . DC  B 2 10 ? 3.256   12.041  5.007   1.00 0.00 ? 23 DC  B H42    1 
ATOM   721 H H5     . DC  B 2 10 ? 5.134   11.303  3.688   1.00 0.00 ? 23 DC  B H5     1 
ATOM   722 H H6     . DC  B 2 10 ? 5.956   10.910  1.412   1.00 0.00 ? 23 DC  B H6     1 
ATOM   723 P P      . DG  B 2 11 ? 6.909   13.234  -4.004  1.00 0.00 ? 24 DG  B P      1 
ATOM   724 O OP1    . DG  B 2 11 ? 7.078   13.155  -5.472  1.00 0.00 ? 24 DG  B OP1    1 
ATOM   725 O OP2    . DG  B 2 11 ? 8.010   13.759  -3.165  1.00 0.00 ? 24 DG  B OP2    1 
ATOM   726 O "O5'"  . DG  B 2 11 ? 5.582   14.100  -3.691  1.00 0.00 ? 24 DG  B "O5'"  1 
ATOM   727 C "C5'"  . DG  B 2 11 ? 4.539   14.216  -4.667  1.00 0.00 ? 24 DG  B "C5'"  1 
ATOM   728 C "C4'"  . DG  B 2 11 ? 3.568   15.356  -4.344  1.00 0.00 ? 24 DG  B "C4'"  1 
ATOM   729 O "O4'"  . DG  B 2 11 ? 2.925   15.147  -3.063  1.00 0.00 ? 24 DG  B "O4'"  1 
ATOM   730 C "C3'"  . DG  B 2 11 ? 4.283   16.708  -4.287  1.00 0.00 ? 24 DG  B "C3'"  1 
ATOM   731 O "O3'"  . DG  B 2 11 ? 3.621   17.658  -5.143  1.00 0.00 ? 24 DG  B "O3'"  1 
ATOM   732 C "C2'"  . DG  B 2 11 ? 4.202   17.121  -2.839  1.00 0.00 ? 24 DG  B "C2'"  1 
ATOM   733 C "C1'"  . DG  B 2 11 ? 3.044   16.346  -2.271  1.00 0.00 ? 24 DG  B "C1'"  1 
ATOM   734 N N9     . DG  B 2 11 ? 3.230   16.034  -0.839  1.00 0.00 ? 24 DG  B N9     1 
ATOM   735 C C8     . DG  B 2 11 ? 4.347   15.672  -0.156  1.00 0.00 ? 24 DG  B C8     1 
ATOM   736 N N7     . DG  B 2 11 ? 4.223   15.433  1.107   1.00 0.00 ? 24 DG  B N7     1 
ATOM   737 C C5     . DG  B 2 11 ? 2.858   15.660  1.307   1.00 0.00 ? 24 DG  B C5     1 
ATOM   738 C C6     . DG  B 2 11 ? 2.084   15.569  2.493   1.00 0.00 ? 24 DG  B C6     1 
ATOM   739 O O6     . DG  B 2 11 ? 2.453   15.252  3.621   1.00 0.00 ? 24 DG  B O6     1 
ATOM   740 N N1     . DG  B 2 11 ? 0.752   15.887  2.259   1.00 0.00 ? 24 DG  B N1     1 
ATOM   741 C C2     . DG  B 2 11 ? 0.224   16.246  1.035   1.00 0.00 ? 24 DG  B C2     1 
ATOM   742 N N2     . DG  B 2 11 ? -1.080  16.524  1.009   1.00 0.00 ? 24 DG  B N2     1 
ATOM   743 N N3     . DG  B 2 11 ? 0.945   16.333  -0.084  1.00 0.00 ? 24 DG  B N3     1 
ATOM   744 C C4     . DG  B 2 11 ? 2.246   16.030  0.120   1.00 0.00 ? 24 DG  B C4     1 
ATOM   745 H "H5'"  . DG  B 2 11 ? 3.982   13.279  -4.703  1.00 0.00 ? 24 DG  B "H5'"  1 
ATOM   746 H "H5''" . DG  B 2 11 ? 4.988   14.398  -5.644  1.00 0.00 ? 24 DG  B "H5''" 1 
ATOM   747 H "H4'"  . DG  B 2 11 ? 2.802   15.396  -5.118  1.00 0.00 ? 24 DG  B "H4'"  1 
ATOM   748 H "H3'"  . DG  B 2 11 ? 5.326   16.591  -4.584  1.00 0.00 ? 24 DG  B "H3'"  1 
ATOM   749 H "H2'"  . DG  B 2 11 ? 5.110   16.847  -2.323  1.00 0.00 ? 24 DG  B "H2'"  1 
ATOM   750 H "H2''" . DG  B 2 11 ? 4.026   18.190  -2.748  1.00 0.00 ? 24 DG  B "H2''" 1 
ATOM   751 H "H1'"  . DG  B 2 11 ? 2.149   16.940  -2.390  1.00 0.00 ? 24 DG  B "H1'"  1 
ATOM   752 H H8     . DG  B 2 11 ? 5.315   15.606  -0.650  1.00 0.00 ? 24 DG  B H8     1 
ATOM   753 H H1     . DG  B 2 11 ? 0.141   15.854  3.063   1.00 0.00 ? 24 DG  B H1     1 
ATOM   754 H H21    . DG  B 2 11 ? -1.628  16.459  1.854   1.00 0.00 ? 24 DG  B H21    1 
ATOM   755 H H22    . DG  B 2 11 ? -1.518  16.804  0.142   1.00 0.00 ? 24 DG  B H22    1 
ATOM   756 P P      . DA  B 2 12 ? 3.923   19.246  -5.062  1.00 0.00 ? 25 DA  B P      1 
ATOM   757 O OP1    . DA  B 2 12 ? 3.786   19.809  -6.424  1.00 0.00 ? 25 DA  B OP1    1 
ATOM   758 O OP2    . DA  B 2 12 ? 5.180   19.447  -4.306  1.00 0.00 ? 25 DA  B OP2    1 
ATOM   759 O "O5'"  . DA  B 2 12 ? 2.701   19.801  -4.163  1.00 0.00 ? 25 DA  B "O5'"  1 
ATOM   760 C "C5'"  . DA  B 2 12 ? 1.348   19.459  -4.487  1.00 0.00 ? 25 DA  B "C5'"  1 
ATOM   761 C "C4'"  . DA  B 2 12 ? 0.339   20.129  -3.555  1.00 0.00 ? 25 DA  B "C4'"  1 
ATOM   762 O "O4'"  . DA  B 2 12 ? 0.311   19.460  -2.275  1.00 0.00 ? 25 DA  B "O4'"  1 
ATOM   763 C "C3'"  . DA  B 2 12 ? 0.708   21.583  -3.304  1.00 0.00 ? 25 DA  B "C3'"  1 
ATOM   764 O "O3'"  . DA  B 2 12 ? -0.430  22.442  -3.449  1.00 0.00 ? 25 DA  B "O3'"  1 
ATOM   765 C "C2'"  . DA  B 2 12 ? 1.239   21.600  -1.911  1.00 0.00 ? 25 DA  B "C2'"  1 
ATOM   766 C "C1'"  . DA  B 2 12 ? 0.615   20.410  -1.238  1.00 0.00 ? 25 DA  B "C1'"  1 
ATOM   767 N N9     . DA  B 2 12 ? 1.522   19.829  -0.227  1.00 0.00 ? 25 DA  B N9     1 
ATOM   768 C C8     . DA  B 2 12 ? 2.820   19.462  -0.356  1.00 0.00 ? 25 DA  B C8     1 
ATOM   769 N N7     . DA  B 2 12 ? 3.413   18.984  0.680   1.00 0.00 ? 25 DA  B N7     1 
ATOM   770 C C5     . DA  B 2 12 ? 2.394   19.029  1.631   1.00 0.00 ? 25 DA  B C5     1 
ATOM   771 C C6     . DA  B 2 12 ? 2.352   18.660  2.974   1.00 0.00 ? 25 DA  B C6     1 
ATOM   772 N N6     . DA  B 2 12 ? 3.405   18.153  3.610   1.00 0.00 ? 25 DA  B N6     1 
ATOM   773 N N1     . DA  B 2 12 ? 1.189   18.831  3.631   1.00 0.00 ? 25 DA  B N1     1 
ATOM   774 C C2     . DA  B 2 12 ? 0.127   19.339  2.997   1.00 0.00 ? 25 DA  B C2     1 
ATOM   775 N N3     . DA  B 2 12 ? 0.059   19.724  1.723   1.00 0.00 ? 25 DA  B N3     1 
ATOM   776 C C4     . DA  B 2 12 ? 1.236   19.540  1.091   1.00 0.00 ? 25 DA  B C4     1 
ATOM   777 H "H5'"  . DA  B 2 12 ? 1.238   18.385  -4.389  1.00 0.00 ? 25 DA  B "H5'"  1 
ATOM   778 H "H5''" . DA  B 2 12 ? 1.135   19.754  -5.523  1.00 0.00 ? 25 DA  B "H5''" 1 
ATOM   779 H "H4'"  . DA  B 2 12 ? -0.652  20.082  -4.002  1.00 0.00 ? 25 DA  B "H4'"  1 
ATOM   780 H "H3'"  . DA  B 2 12 ? 1.491   21.883  -3.974  1.00 0.00 ? 25 DA  B "H3'"  1 
ATOM   781 H "H2'"  . DA  B 2 12 ? 2.320   21.488  -1.936  1.00 0.00 ? 25 DA  B "H2'"  1 
ATOM   782 H "H2''" . DA  B 2 12 ? 0.960   22.520  -1.402  1.00 0.00 ? 25 DA  B "H2''" 1 
ATOM   783 H "H1'"  . DA  B 2 12 ? -0.300  20.732  -0.775  1.00 0.00 ? 25 DA  B "H1'"  1 
ATOM   784 H H8     . DA  B 2 12 ? 3.342   19.572  -1.302  1.00 0.00 ? 25 DA  B H8     1 
ATOM   785 H H61    . DA  B 2 12 ? 3.334   17.898  4.585   1.00 0.00 ? 25 DA  B H61    1 
ATOM   786 H H62    . DA  B 2 12 ? 4.275   18.018  3.115   1.00 0.00 ? 25 DA  B H62    1 
ATOM   787 H H2     . DA  B 2 12 ? -0.785  19.446  3.586   1.00 0.00 ? 25 DA  B H2     1 
ATOM   788 P P      . DT  B 2 13 ? -0.330  24.019  -3.125  1.00 0.00 ? 26 DT  B P      1 
ATOM   789 O OP1    . DT  B 2 13 ? -1.443  24.705  -3.818  1.00 0.00 ? 26 DT  B OP1    1 
ATOM   790 O OP2    . DT  B 2 13 ? 1.065   24.456  -3.355  1.00 0.00 ? 26 DT  B OP2    1 
ATOM   791 O "O5'"  . DT  B 2 13 ? -0.618  24.062  -1.541  1.00 0.00 ? 26 DT  B "O5'"  1 
ATOM   792 C "C5'"  . DT  B 2 13 ? -1.858  23.572  -1.023  1.00 0.00 ? 26 DT  B "C5'"  1 
ATOM   793 C "C4'"  . DT  B 2 13 ? -1.940  23.700  0.490   1.00 0.00 ? 26 DT  B "C4'"  1 
ATOM   794 O "O4'"  . DT  B 2 13 ? -1.052  22.754  1.138   1.00 0.00 ? 26 DT  B "O4'"  1 
ATOM   795 C "C3'"  . DT  B 2 13 ? -1.532  25.100  0.931   1.00 0.00 ? 26 DT  B "C3'"  1 
ATOM   796 O "O3'"  . DT  B 2 13 ? -2.500  25.658  1.825   1.00 0.00 ? 26 DT  B "O3'"  1 
ATOM   797 C "C2'"  . DT  B 2 13 ? -0.216  24.900  1.622   1.00 0.00 ? 26 DT  B "C2'"  1 
ATOM   798 C "C1'"  . DT  B 2 13 ? -0.230  23.459  2.082   1.00 0.00 ? 26 DT  B "C1'"  1 
ATOM   799 N N1     . DT  B 2 13 ? 1.135   22.888  2.172   1.00 0.00 ? 26 DT  B N1     1 
ATOM   800 C C2     . DT  B 2 13 ? 1.517   22.361  3.393   1.00 0.00 ? 26 DT  B C2     1 
ATOM   801 O O2     . DT  B 2 13 ? 0.760   22.329  4.361   1.00 0.00 ? 26 DT  B O2     1 
ATOM   802 N N3     . DT  B 2 13 ? 2.802   21.861  3.461   1.00 0.00 ? 26 DT  B N3     1 
ATOM   803 C C4     . DT  B 2 13 ? 3.727   21.841  2.437   1.00 0.00 ? 26 DT  B C4     1 
ATOM   804 O O4     . DT  B 2 13 ? 4.849   21.368  2.618   1.00 0.00 ? 26 DT  B O4     1 
ATOM   805 C C5     . DT  B 2 13 ? 3.232   22.412  1.202   1.00 0.00 ? 26 DT  B C5     1 
ATOM   806 C C7     . DT  B 2 13 ? 4.104   22.482  -0.032  1.00 0.00 ? 26 DT  B C7     1 
ATOM   807 C C6     . DT  B 2 13 ? 2.001   22.898  1.106   1.00 0.00 ? 26 DT  B C6     1 
ATOM   808 H "H5'"  . DT  B 2 13 ? -1.954  22.527  -1.286  1.00 0.00 ? 26 DT  B "H5'"  1 
ATOM   809 H "H5''" . DT  B 2 13 ? -2.677  24.133  -1.474  1.00 0.00 ? 26 DT  B "H5''" 1 
ATOM   810 H "H4'"  . DT  B 2 13 ? -2.962  23.507  0.813   1.00 0.00 ? 26 DT  B "H4'"  1 
ATOM   811 H "H3'"  . DT  B 2 13 ? -1.402  25.745  0.059   1.00 0.00 ? 26 DT  B "H3'"  1 
ATOM   812 H "HO3'" . DT  B 2 13 ? -3.336  25.692  1.356   1.00 0.00 ? 26 DT  B "HO3'" 1 
ATOM   813 H "H2'"  . DT  B 2 13 ? 0.590   25.051  0.907   1.00 0.00 ? 26 DT  B "H2'"  1 
ATOM   814 H "H2''" . DT  B 2 13 ? -0.114  25.577  2.471   1.00 0.00 ? 26 DT  B "H2''" 1 
ATOM   815 H "H1'"  . DT  B 2 13 ? -0.703  23.410  3.065   1.00 0.00 ? 26 DT  B "H1'"  1 
ATOM   816 H H3     . DT  B 2 13 ? 3.091   21.472  4.346   1.00 0.00 ? 26 DT  B H3     1 
ATOM   817 H H71    . DT  B 2 13 ? 5.129   22.259  0.233   1.00 0.00 ? 26 DT  B H71    1 
ATOM   818 H H72    . DT  B 2 13 ? 4.040   23.488  -0.456  1.00 0.00 ? 26 DT  B H72    1 
ATOM   819 H H73    . DT  B 2 13 ? 3.744   21.762  -0.763  1.00 0.00 ? 26 DT  B H73    1 
ATOM   820 H H6     . DT  B 2 13 ? 1.692   23.295  0.147   1.00 0.00 ? 26 DT  B H6     1 
HETATM 821 C C1     . BPJ C 3 .  ? 2.351   3.725   -0.901  1.00 0.00 ? 27 BPJ A C1     1 
HETATM 822 C C2     . BPJ C 3 .  ? 3.243   4.744   -1.582  1.00 0.00 ? 27 BPJ A C2     1 
HETATM 823 O O2     . BPJ C 3 .  ? 2.511   5.414   -2.610  1.00 0.00 ? 27 BPJ A O2     1 
HETATM 824 C C3     . BPJ C 3 .  ? 4.409   4.053   -2.208  1.00 0.00 ? 27 BPJ A C3     1 
HETATM 825 O O3     . BPJ C 3 .  ? 3.932   2.950   -2.971  1.00 0.00 ? 27 BPJ A O3     1 
HETATM 826 C C4     . BPJ C 3 .  ? 5.289   3.566   -1.097  1.00 0.00 ? 27 BPJ A C4     1 
HETATM 827 O O4     . BPJ C 3 .  ? 5.659   4.684   -0.289  1.00 0.00 ? 27 BPJ A O4     1 
HETATM 828 C C5     . BPJ C 3 .  ? 5.325   1.935   0.740   1.00 0.00 ? 27 BPJ A C5     1 
HETATM 829 C C6     . BPJ C 3 .  ? 4.717   1.423   1.887   1.00 0.00 ? 27 BPJ A C6     1 
HETATM 830 C C7     . BPJ C 3 .  ? 2.785   1.085   3.276   1.00 0.00 ? 27 BPJ A C7     1 
HETATM 831 C C8     . BPJ C 3 .  ? 1.420   0.856   3.372   1.00 0.00 ? 27 BPJ A C8     1 
HETATM 832 C C9     . BPJ C 3 .  ? -0.776  0.814   2.397   1.00 0.00 ? 27 BPJ A C9     1 
HETATM 833 C C10    . BPJ C 3 .  ? -1.687  1.209   1.418   1.00 0.00 ? 27 BPJ A C10    1 
HETATM 834 C C11    . BPJ C 3 .  ? -1.233  1.832   0.249   1.00 0.00 ? 27 BPJ A C11    1 
HETATM 835 C C12    . BPJ C 3 .  ? 0.150   2.043   0.061   1.00 0.00 ? 27 BPJ A C12    1 
HETATM 836 C C13    . BPJ C 3 .  ? 3.138   2.748   -0.032  1.00 0.00 ? 27 BPJ A C13    1 
HETATM 837 C C14    . BPJ C 3 .  ? 4.561   2.596   -0.230  1.00 0.00 ? 27 BPJ A C14    1 
HETATM 838 C C15    . BPJ C 3 .  ? 3.337   1.571   2.092   1.00 0.00 ? 27 BPJ A C15    1 
HETATM 839 C C16    . BPJ C 3 .  ? 2.508   2.024   1.035   1.00 0.00 ? 27 BPJ A C16    1 
HETATM 840 C C17    . BPJ C 3 .  ? 1.067   1.845   1.152   1.00 0.00 ? 27 BPJ A C17    1 
HETATM 841 C C18    . BPJ C 3 .  ? 0.563   1.218   2.327   1.00 0.00 ? 27 BPJ A C18    1 
HETATM 842 H H12A   . BPJ C 3 .  ? 1.796   3.180   -1.643  1.00 0.00 ? 27 BPJ A H12A   1 
HETATM 843 H H2     . BPJ C 3 .  ? 3.594   5.476   -0.856  1.00 0.00 ? 27 BPJ A H2     1 
HETATM 844 H HO2    . BPJ C 3 .  ? 2.199   4.786   -3.265  1.00 0.00 ? 27 BPJ A HO2    1 
HETATM 845 H H3     . BPJ C 3 .  ? 4.952   4.724   -2.850  1.00 0.00 ? 27 BPJ A H3     1 
HETATM 846 H HO3    . BPJ C 3 .  ? 4.551   2.749   -3.675  1.00 0.00 ? 27 BPJ A HO3    1 
HETATM 847 H H4     . BPJ C 3 .  ? 6.175   3.100   -1.500  1.00 0.00 ? 27 BPJ A H4     1 
HETATM 848 H HO4    . BPJ C 3 .  ? 6.602   4.815   -0.306  1.00 0.00 ? 27 BPJ A HO4    1 
HETATM 849 H H5     . BPJ C 3 .  ? 6.398   1.816   0.602   1.00 0.00 ? 27 BPJ A H5     1 
HETATM 850 H H6     . BPJ C 3 .  ? 5.318   0.909   2.617   1.00 0.00 ? 27 BPJ A H6     1 
HETATM 851 H H7     . BPJ C 3 .  ? 3.421   0.885   4.117   1.00 0.00 ? 27 BPJ A H7     1 
HETATM 852 H H8     . BPJ C 3 .  ? 1.014   0.392   4.258   1.00 0.00 ? 27 BPJ A H8     1 
HETATM 853 H H9     . BPJ C 3 .  ? -1.103  0.191   3.215   1.00 0.00 ? 27 BPJ A H9     1 
HETATM 854 H H10    . BPJ C 3 .  ? -2.741  1.027   1.569   1.00 0.00 ? 27 BPJ A H10    1 
HETATM 855 H H11    . BPJ C 3 .  ? -1.940  2.149   -0.508  1.00 0.00 ? 27 BPJ A H11    1 
HETATM 856 H H12    . BPJ C 3 .  ? 0.493   2.346   -0.899  1.00 0.00 ? 27 BPJ A H12    1 
# 
